data_9QRH
#
_entry.id   9QRH
#
_cell.length_a   127.669
_cell.length_b   127.669
_cell.length_c   124.412
_cell.angle_alpha   90.00
_cell.angle_beta   90.00
_cell.angle_gamma   90.00
#
_symmetry.space_group_name_H-M   'P 43 21 2'
#
loop_
_entity.id
_entity.type
_entity.pdbx_description
1 polymer 'Casein kinase II subunit alpha'
2 non-polymer '5-[[(3~{E})-3-[4-[2-(3,4-dichlorophenyl)ethylamino]-4-oxidanylidene-butanoyl]iminopropyl]amino]benzo[c][2,6]naphthyridine-8-carboxylic acid'
3 non-polymer 'SULFATE ION'
4 water water
#
_entity_poly.entity_id   1
_entity_poly.type   'polypeptide(L)'
_entity_poly.pdbx_seq_one_letter_code
;MHHHHHHSSGVDLGTENLYFQSMSGPVPSRARVYTDVNTHRPREYWDYESHVVEWGNQDDYQLVRKLGRGKYSEVFEAIN
ITNNEKVVVKILKPVKKKKIKREIKILENLRGGPNIITLADIVKDPVSRTPALVFEHVNNTDFKQLYQTLTDYDIRFYMY
EILKALDYCHSMGIMHRDVKPHNVMIDHEHRKLRLIDWGLAEFYHPGQEYNVRVASRYFKGPELLVDYQMYDYSLDMWSL
GCMLASMIFRKEPFFHGHDNYDQLVRIAKVLGTEDLYDYIDKYNIELDPRFNDILGRHSRKRWERFVHSENQHLVSPEAL
DFLDKLLRYDHQSRLTAREAMEHPYFYTVVKDQARMGSS
;
_entity_poly.pdbx_strand_id   A,B
#
loop_
_chem_comp.id
_chem_comp.type
_chem_comp.name
_chem_comp.formula
A1I9M non-polymer '5-[[(3~{E})-3-[4-[2-(3,4-dichlorophenyl)ethylamino]-4-oxidanylidene-butanoyl]iminopropyl]amino]benzo[c][2,6]naphthyridine-8-carboxylic acid' 'C28 H25 Cl2 N5 O4'
SO4 non-polymer 'SULFATE ION' 'O4 S -2'
#
# COMPACT_ATOMS: atom_id res chain seq x y z
N GLY A 25 25.04 -22.66 11.92
CA GLY A 25 24.49 -21.82 12.98
C GLY A 25 23.82 -20.52 12.55
N PRO A 26 22.82 -20.07 13.32
CA PRO A 26 22.07 -18.86 12.93
C PRO A 26 22.95 -17.62 12.87
N VAL A 27 22.62 -16.74 11.93
CA VAL A 27 23.35 -15.48 11.77
C VAL A 27 22.98 -14.53 12.91
N PRO A 28 23.95 -13.87 13.54
CA PRO A 28 23.62 -12.97 14.65
C PRO A 28 22.86 -11.74 14.19
N SER A 29 22.20 -11.08 15.15
CA SER A 29 21.39 -9.90 14.88
C SER A 29 21.54 -8.89 16.02
N ARG A 30 21.44 -7.59 15.67
CA ARG A 30 21.38 -6.51 16.63
C ARG A 30 20.13 -5.66 16.41
N ALA A 31 19.47 -5.26 17.51
CA ALA A 31 18.52 -4.16 17.46
C ALA A 31 19.12 -2.98 16.71
N ARG A 32 18.37 -2.41 15.78
CA ARG A 32 18.91 -1.28 15.05
C ARG A 32 18.60 0.07 15.69
N VAL A 33 17.85 0.10 16.80
CA VAL A 33 17.75 1.28 17.64
C VAL A 33 17.92 0.85 19.09
N TYR A 34 18.38 1.79 19.91
CA TYR A 34 18.59 1.57 21.34
C TYR A 34 19.46 0.33 21.60
N THR A 35 20.37 0.03 20.68
CA THR A 35 21.13 -1.21 20.74
C THR A 35 21.88 -1.33 22.06
N ASP A 36 22.55 -0.26 22.48
CA ASP A 36 23.53 -0.36 23.56
C ASP A 36 23.09 0.35 24.85
N VAL A 37 21.82 0.75 24.94
CA VAL A 37 21.42 1.63 26.04
C VAL A 37 21.74 1.02 27.39
N ASN A 38 21.60 -0.31 27.52
CA ASN A 38 21.84 -0.93 28.80
C ASN A 38 23.33 -1.07 29.13
N THR A 39 24.19 -1.27 28.13
CA THR A 39 25.61 -1.32 28.41
C THR A 39 26.08 0.00 29.02
N HIS A 40 25.39 1.10 28.73
CA HIS A 40 25.83 2.43 29.13
C HIS A 40 25.33 2.82 30.51
N ARG A 41 24.44 2.03 31.08
CA ARG A 41 23.91 2.33 32.41
C ARG A 41 24.74 1.64 33.48
N PRO A 42 24.61 2.07 34.73
CA PRO A 42 25.21 1.28 35.83
C PRO A 42 24.64 -0.12 35.81
N ARG A 43 25.47 -1.08 36.20
CA ARG A 43 25.00 -2.47 36.15
C ARG A 43 23.78 -2.70 37.01
N GLU A 44 23.61 -1.95 38.11
CA GLU A 44 22.45 -2.18 38.96
C GLU A 44 21.14 -1.86 38.24
N TYR A 45 21.19 -1.15 37.11
CA TYR A 45 19.95 -0.88 36.38
C TYR A 45 19.37 -2.15 35.78
N TRP A 46 20.20 -3.02 35.19
CA TRP A 46 19.68 -4.21 34.55
C TRP A 46 19.95 -5.50 35.30
N ASP A 47 20.95 -5.53 36.20
CA ASP A 47 21.28 -6.74 36.98
C ASP A 47 20.25 -6.93 38.10
N TYR A 48 19.03 -7.31 37.68
CA TYR A 48 17.90 -7.38 38.60
C TYR A 48 18.05 -8.52 39.60
N GLU A 49 18.86 -9.55 39.32
CA GLU A 49 19.00 -10.63 40.30
C GLU A 49 19.56 -10.10 41.62
N SER A 50 20.44 -9.11 41.56
CA SER A 50 21.00 -8.55 42.79
C SER A 50 20.17 -7.40 43.33
N HIS A 51 19.00 -7.13 42.77
CA HIS A 51 18.13 -6.09 43.30
C HIS A 51 17.53 -6.53 44.63
N VAL A 52 17.65 -5.68 45.66
CA VAL A 52 17.08 -5.96 46.97
C VAL A 52 15.67 -5.37 47.04
N VAL A 53 14.71 -6.19 47.49
CA VAL A 53 13.31 -5.80 47.58
C VAL A 53 12.97 -5.55 49.05
N GLU A 54 12.21 -4.48 49.28
CA GLU A 54 11.74 -4.10 50.61
C GLU A 54 10.27 -4.51 50.72
N TRP A 55 10.04 -5.77 51.08
CA TRP A 55 8.69 -6.36 51.03
C TRP A 55 7.77 -5.78 52.08
N GLY A 56 6.71 -5.11 51.63
CA GLY A 56 5.73 -4.53 52.54
C GLY A 56 4.80 -5.58 53.14
N ASN A 57 3.83 -5.08 53.88
CA ASN A 57 2.80 -5.90 54.48
C ASN A 57 1.50 -5.63 53.74
N GLN A 58 0.76 -6.69 53.36
CA GLN A 58 -0.59 -6.47 52.88
C GLN A 58 -1.42 -5.88 54.02
N ASP A 59 -2.68 -6.27 54.17
CA ASP A 59 -3.45 -5.75 55.29
C ASP A 59 -3.60 -4.23 55.24
N ASP A 60 -2.60 -3.52 54.72
CA ASP A 60 -2.82 -2.16 54.23
C ASP A 60 -3.77 -2.14 53.06
N TYR A 61 -4.10 -3.30 52.49
CA TYR A 61 -4.98 -3.43 51.34
C TYR A 61 -5.98 -4.54 51.63
N GLN A 62 -7.25 -4.19 51.73
CA GLN A 62 -8.31 -5.20 51.77
C GLN A 62 -8.74 -5.52 50.36
N LEU A 63 -8.76 -6.80 50.02
CA LEU A 63 -9.23 -7.17 48.69
C LEU A 63 -10.73 -6.91 48.57
N VAL A 64 -11.12 -6.25 47.49
CA VAL A 64 -12.52 -5.99 47.22
C VAL A 64 -13.09 -7.08 46.32
N ARG A 65 -12.65 -7.14 45.07
CA ARG A 65 -13.11 -8.21 44.20
C ARG A 65 -12.02 -8.62 43.23
N LYS A 66 -12.18 -9.82 42.65
CA LYS A 66 -11.23 -10.35 41.69
C LYS A 66 -11.53 -9.79 40.31
N LEU A 67 -10.49 -9.30 39.63
CA LEU A 67 -10.61 -8.67 38.33
C LEU A 67 -10.08 -9.54 37.19
N GLY A 68 -9.46 -10.67 37.50
CA GLY A 68 -8.87 -11.50 36.45
C GLY A 68 -7.89 -12.54 36.95
N ARG A 69 -7.83 -13.67 36.27
CA ARG A 69 -6.88 -14.73 36.58
C ARG A 69 -6.03 -14.96 35.35
N GLY A 70 -4.73 -14.74 35.47
CA GLY A 70 -3.78 -15.09 34.44
C GLY A 70 -3.03 -16.38 34.75
N LYS A 71 -2.08 -16.70 33.86
CA LYS A 71 -1.26 -17.88 34.04
C LYS A 71 -0.28 -17.71 35.20
N TYR A 72 0.25 -16.50 35.37
CA TYR A 72 1.28 -16.24 36.37
C TYR A 72 0.78 -15.42 37.56
N SER A 73 -0.49 -15.04 37.60
CA SER A 73 -0.94 -14.11 38.63
C SER A 73 -2.47 -14.08 38.68
N GLU A 74 -2.98 -13.50 39.77
CA GLU A 74 -4.39 -13.15 39.93
C GLU A 74 -4.44 -11.69 40.33
N VAL A 75 -5.41 -10.96 39.82
CA VAL A 75 -5.49 -9.51 40.01
C VAL A 75 -6.77 -9.18 40.75
N PHE A 76 -6.67 -8.36 41.80
CA PHE A 76 -7.81 -7.97 42.61
C PHE A 76 -7.90 -6.46 42.71
N GLU A 77 -9.11 -5.93 42.60
CA GLU A 77 -9.34 -4.58 43.09
C GLU A 77 -9.24 -4.61 44.62
N ALA A 78 -8.56 -3.62 45.18
CA ALA A 78 -8.41 -3.53 46.63
C ALA A 78 -8.42 -2.09 47.04
N ILE A 79 -8.66 -1.87 48.33
CA ILE A 79 -8.71 -0.55 48.93
C ILE A 79 -7.51 -0.42 49.84
N ASN A 80 -6.74 0.66 49.68
CA ASN A 80 -5.77 1.02 50.69
C ASN A 80 -6.50 1.56 51.91
N ILE A 81 -6.39 0.89 53.05
CA ILE A 81 -7.17 1.31 54.20
C ILE A 81 -6.68 2.61 54.81
N THR A 82 -5.42 3.00 54.55
CA THR A 82 -4.89 4.18 55.22
C THR A 82 -5.49 5.47 54.66
N ASN A 83 -5.80 5.49 53.37
CA ASN A 83 -6.34 6.67 52.72
C ASN A 83 -7.56 6.40 51.86
N ASN A 84 -8.02 5.15 51.78
CA ASN A 84 -9.19 4.71 51.01
C ASN A 84 -9.01 4.80 49.50
N GLU A 85 -7.78 4.96 49.00
CA GLU A 85 -7.59 5.03 47.54
C GLU A 85 -7.83 3.66 46.91
N LYS A 86 -8.64 3.65 45.84
CA LYS A 86 -8.79 2.45 45.05
C LYS A 86 -7.44 2.02 44.48
N VAL A 87 -7.25 0.71 44.36
CA VAL A 87 -5.93 0.18 44.03
C VAL A 87 -6.10 -1.20 43.39
N VAL A 88 -5.03 -1.76 42.83
CA VAL A 88 -5.07 -3.10 42.28
C VAL A 88 -3.92 -3.92 42.84
N VAL A 89 -4.20 -5.17 43.21
CA VAL A 89 -3.23 -6.04 43.85
C VAL A 89 -3.05 -7.29 43.01
N LYS A 90 -1.84 -7.52 42.52
CA LYS A 90 -1.53 -8.66 41.67
C LYS A 90 -0.77 -9.69 42.50
N ILE A 91 -1.44 -10.78 42.85
CA ILE A 91 -0.82 -11.81 43.68
C ILE A 91 -0.10 -12.78 42.75
N LEU A 92 1.22 -12.82 42.87
CA LEU A 92 2.06 -13.54 41.94
C LEU A 92 2.04 -15.03 42.26
N LYS A 93 1.79 -15.84 41.24
CA LYS A 93 1.80 -17.29 41.42
C LYS A 93 3.24 -17.79 41.42
N PRO A 94 3.53 -18.85 42.17
CA PRO A 94 4.91 -19.31 42.35
C PRO A 94 5.73 -19.40 41.07
N VAL A 95 6.74 -18.55 40.99
CA VAL A 95 7.73 -18.55 39.92
C VAL A 95 9.10 -18.38 40.56
N LYS A 96 10.15 -18.53 39.76
CA LYS A 96 11.49 -18.26 40.27
C LYS A 96 11.61 -16.83 40.73
N LYS A 97 12.08 -16.66 41.96
CA LYS A 97 12.32 -15.35 42.58
C LYS A 97 12.96 -14.37 41.59
N LYS A 98 13.80 -14.90 40.68
CA LYS A 98 14.28 -14.17 39.51
C LYS A 98 13.17 -13.44 38.77
N LYS A 99 12.14 -14.16 38.29
CA LYS A 99 11.09 -13.53 37.50
C LYS A 99 10.38 -12.40 38.27
N ILE A 100 10.25 -12.52 39.58
CA ILE A 100 9.61 -11.46 40.35
C ILE A 100 10.52 -10.22 40.42
N LYS A 101 11.79 -10.42 40.77
CA LYS A 101 12.73 -9.30 40.80
C LYS A 101 12.87 -8.65 39.42
N ARG A 102 12.74 -9.43 38.35
CA ARG A 102 12.72 -8.84 37.02
C ARG A 102 11.54 -7.89 36.86
N GLU A 103 10.32 -8.38 37.10
CA GLU A 103 9.14 -7.53 36.92
C GLU A 103 9.24 -6.29 37.80
N ILE A 104 9.70 -6.44 39.04
CA ILE A 104 9.78 -5.29 39.94
C ILE A 104 10.78 -4.26 39.41
N LYS A 105 11.97 -4.72 39.05
CA LYS A 105 12.99 -3.80 38.58
C LYS A 105 12.55 -3.06 37.33
N ILE A 106 11.95 -3.77 36.38
CA ILE A 106 11.48 -3.13 35.15
C ILE A 106 10.40 -2.10 35.47
N LEU A 107 9.43 -2.49 36.31
CA LEU A 107 8.42 -1.54 36.76
C LEU A 107 9.07 -0.33 37.42
N GLU A 108 10.03 -0.56 38.31
CA GLU A 108 10.70 0.56 38.98
C GLU A 108 11.44 1.45 37.98
N ASN A 109 12.09 0.84 36.98
CA ASN A 109 12.79 1.62 35.97
C ASN A 109 11.86 2.41 35.06
N LEU A 110 10.67 1.89 34.78
CA LEU A 110 9.75 2.57 33.86
C LEU A 110 8.80 3.51 34.58
N ARG A 111 8.77 3.50 35.92
CA ARG A 111 7.86 4.35 36.67
C ARG A 111 7.93 5.79 36.17
N GLY A 112 6.76 6.39 35.91
CA GLY A 112 6.69 7.75 35.41
C GLY A 112 6.72 7.89 33.91
N GLY A 113 6.94 6.81 33.17
CA GLY A 113 6.97 6.89 31.74
C GLY A 113 5.57 7.01 31.18
N PRO A 114 5.47 7.50 29.95
CA PRO A 114 4.14 7.74 29.35
C PRO A 114 3.40 6.43 29.17
N ASN A 115 2.22 6.34 29.78
CA ASN A 115 1.29 5.23 29.58
C ASN A 115 1.83 3.90 30.12
N ILE A 116 2.82 3.95 31.00
CA ILE A 116 3.26 2.79 31.77
C ILE A 116 2.47 2.74 33.07
N ILE A 117 1.88 1.58 33.37
CA ILE A 117 1.13 1.42 34.62
C ILE A 117 2.05 1.66 35.80
N THR A 118 1.54 2.26 36.87
CA THR A 118 2.37 2.70 37.98
C THR A 118 2.40 1.64 39.09
N LEU A 119 3.58 1.14 39.41
CA LEU A 119 3.75 0.26 40.55
C LEU A 119 3.71 1.10 41.82
N ALA A 120 2.73 0.83 42.68
CA ALA A 120 2.53 1.64 43.89
C ALA A 120 3.22 1.04 45.10
N ASP A 121 3.17 -0.27 45.26
CA ASP A 121 3.72 -0.89 46.44
C ASP A 121 4.15 -2.31 46.09
N ILE A 122 4.96 -2.87 46.98
CA ILE A 122 5.45 -4.24 46.90
C ILE A 122 5.24 -4.85 48.28
N VAL A 123 4.40 -5.89 48.35
CA VAL A 123 3.91 -6.41 49.62
C VAL A 123 4.02 -7.92 49.62
N LYS A 124 3.72 -8.49 50.77
CA LYS A 124 3.75 -9.92 51.00
C LYS A 124 2.65 -10.16 52.00
N ASP A 125 1.79 -11.13 51.74
CA ASP A 125 0.77 -11.45 52.72
C ASP A 125 1.44 -12.01 53.95
N PRO A 126 1.11 -11.52 55.16
CA PRO A 126 1.90 -11.90 56.34
C PRO A 126 1.85 -13.39 56.70
N VAL A 127 0.76 -14.11 56.43
CA VAL A 127 0.71 -15.54 56.73
C VAL A 127 1.22 -16.38 55.57
N SER A 128 0.84 -16.08 54.33
CA SER A 128 1.27 -16.95 53.23
C SER A 128 2.67 -16.62 52.74
N ARG A 129 3.18 -15.42 53.08
CA ARG A 129 4.45 -14.93 52.57
C ARG A 129 4.52 -14.93 51.05
N THR A 130 3.36 -14.91 50.37
CA THR A 130 3.29 -14.90 48.90
C THR A 130 3.47 -13.48 48.37
N PRO A 131 4.32 -13.29 47.36
CA PRO A 131 4.61 -11.93 46.88
C PRO A 131 3.44 -11.30 46.12
N ALA A 132 3.23 -10.01 46.34
CA ALA A 132 2.18 -9.32 45.63
C ALA A 132 2.65 -7.92 45.22
N LEU A 133 2.13 -7.46 44.09
CA LEU A 133 2.42 -6.14 43.57
C LEU A 133 1.16 -5.30 43.64
N VAL A 134 1.32 -4.03 44.00
CA VAL A 134 0.20 -3.12 44.15
C VAL A 134 0.34 -2.02 43.10
N PHE A 135 -0.66 -1.92 42.21
CA PHE A 135 -0.64 -0.98 41.09
C PHE A 135 -1.68 0.11 41.29
N GLU A 136 -1.53 1.19 40.51
CA GLU A 136 -2.59 2.19 40.40
C GLU A 136 -3.86 1.57 39.82
N HIS A 137 -5.01 2.05 40.29
CA HIS A 137 -6.26 1.66 39.68
C HIS A 137 -6.55 2.51 38.44
N VAL A 138 -7.08 1.86 37.39
CA VAL A 138 -7.50 2.53 36.17
C VAL A 138 -8.97 2.19 35.92
N ASN A 139 -9.78 3.22 35.67
CA ASN A 139 -11.21 3.03 35.43
C ASN A 139 -11.48 2.52 34.02
N ASN A 140 -10.98 1.32 33.74
CA ASN A 140 -11.13 0.79 32.38
C ASN A 140 -12.61 0.52 32.07
N THR A 141 -12.89 0.35 30.78
CA THR A 141 -14.22 0.54 30.24
C THR A 141 -14.70 -0.72 29.53
N ASP A 142 -16.04 -0.84 29.47
CA ASP A 142 -16.76 -1.92 28.81
C ASP A 142 -16.27 -2.10 27.38
N PHE A 143 -15.27 -2.95 27.18
CA PHE A 143 -14.72 -3.17 25.84
C PHE A 143 -15.76 -3.76 24.88
N LYS A 144 -16.87 -4.29 25.40
CA LYS A 144 -17.92 -4.82 24.53
C LYS A 144 -18.53 -3.70 23.68
N GLN A 145 -19.16 -2.71 24.32
CA GLN A 145 -19.66 -1.55 23.60
C GLN A 145 -18.53 -0.66 23.07
N LEU A 146 -17.32 -0.78 23.63
CA LEU A 146 -16.18 -0.04 23.10
C LEU A 146 -15.83 -0.51 21.69
N TYR A 147 -15.86 -1.82 21.45
CA TYR A 147 -15.52 -2.35 20.13
C TYR A 147 -16.59 -2.02 19.10
N GLN A 148 -17.81 -1.72 19.53
CA GLN A 148 -18.88 -1.42 18.58
C GLN A 148 -18.86 0.04 18.15
N THR A 149 -18.71 0.95 19.12
CA THR A 149 -18.69 2.37 18.81
C THR A 149 -17.26 2.83 18.54
N LEU A 150 -16.41 1.92 18.05
CA LEU A 150 -15.02 2.24 17.74
C LEU A 150 -14.96 3.00 16.42
N THR A 151 -14.32 4.15 16.44
CA THR A 151 -14.18 4.95 15.24
C THR A 151 -12.78 4.78 14.66
N ASP A 152 -12.63 5.14 13.39
CA ASP A 152 -11.31 5.18 12.80
C ASP A 152 -10.39 6.12 13.59
N TYR A 153 -10.94 7.22 14.10
CA TYR A 153 -10.13 8.11 14.93
C TYR A 153 -9.74 7.45 16.24
N ASP A 154 -10.67 6.71 16.85
CA ASP A 154 -10.37 6.07 18.12
C ASP A 154 -9.17 5.15 17.98
N ILE A 155 -9.19 4.27 16.96
CA ILE A 155 -8.12 3.31 16.78
C ILE A 155 -6.78 4.02 16.59
N ARG A 156 -6.78 5.16 15.87
CA ARG A 156 -5.54 5.89 15.66
C ARG A 156 -5.03 6.55 16.93
N PHE A 157 -5.95 7.09 17.75
CA PHE A 157 -5.54 7.75 18.99
C PHE A 157 -4.91 6.77 19.96
N TYR A 158 -5.57 5.64 20.20
CA TYR A 158 -5.05 4.71 21.17
C TYR A 158 -3.85 3.94 20.62
N MET A 159 -3.78 3.69 19.31
CA MET A 159 -2.58 3.05 18.79
C MET A 159 -1.38 3.95 19.03
N TYR A 160 -1.56 5.25 18.82
CA TYR A 160 -0.52 6.22 19.13
C TYR A 160 -0.12 6.15 20.60
N GLU A 161 -1.10 6.10 21.52
CA GLU A 161 -0.77 6.02 22.93
C GLU A 161 0.05 4.78 23.27
N ILE A 162 -0.30 3.63 22.69
CA ILE A 162 0.50 2.43 22.91
C ILE A 162 1.94 2.65 22.43
N LEU A 163 2.08 3.24 21.24
CA LEU A 163 3.41 3.51 20.70
C LEU A 163 4.23 4.41 21.62
N LYS A 164 3.61 5.44 22.20
CA LYS A 164 4.28 6.22 23.23
C LYS A 164 4.87 5.31 24.31
N ALA A 165 4.07 4.36 24.82
CA ALA A 165 4.60 3.48 25.84
C ALA A 165 5.71 2.59 25.27
N LEU A 166 5.49 2.06 24.07
CA LEU A 166 6.47 1.15 23.47
C LEU A 166 7.79 1.87 23.23
N ASP A 167 7.74 3.05 22.61
CA ASP A 167 8.97 3.76 22.32
C ASP A 167 9.71 4.12 23.59
N TYR A 168 8.99 4.38 24.69
CA TYR A 168 9.66 4.76 25.92
C TYR A 168 10.37 3.58 26.55
N CYS A 169 9.69 2.44 26.67
CA CYS A 169 10.34 1.31 27.30
C CYS A 169 11.45 0.72 26.42
N HIS A 170 11.34 0.81 25.10
CA HIS A 170 12.46 0.42 24.25
C HIS A 170 13.65 1.35 24.47
N SER A 171 13.38 2.67 24.52
CA SER A 171 14.43 3.63 24.83
C SER A 171 15.04 3.39 26.21
N MET A 172 14.32 2.73 27.12
CA MET A 172 14.90 2.35 28.40
C MET A 172 15.50 0.93 28.40
N GLY A 173 15.76 0.38 27.21
CA GLY A 173 16.41 -0.93 27.15
C GLY A 173 15.53 -2.11 27.47
N ILE A 174 14.20 -1.99 27.31
CA ILE A 174 13.25 -2.97 27.81
C ILE A 174 12.28 -3.37 26.71
N MET A 175 12.17 -4.69 26.48
CA MET A 175 11.15 -5.26 25.61
C MET A 175 9.93 -5.64 26.45
N HIS A 176 8.74 -5.42 25.91
CA HIS A 176 7.57 -5.83 26.69
C HIS A 176 7.32 -7.32 26.53
N ARG A 177 7.37 -7.81 25.29
CA ARG A 177 7.26 -9.21 24.90
C ARG A 177 5.86 -9.80 25.11
N ASP A 178 4.88 -9.00 25.51
CA ASP A 178 3.55 -9.53 25.74
C ASP A 178 2.49 -8.52 25.32
N VAL A 179 2.76 -7.73 24.27
CA VAL A 179 1.80 -6.77 23.77
C VAL A 179 0.62 -7.52 23.17
N LYS A 180 -0.58 -7.15 23.60
CA LYS A 180 -1.83 -7.81 23.23
C LYS A 180 -2.97 -7.04 23.89
N PRO A 181 -4.21 -7.17 23.39
CA PRO A 181 -5.28 -6.27 23.86
C PRO A 181 -5.58 -6.41 25.35
N HIS A 182 -5.52 -7.62 25.89
CA HIS A 182 -5.74 -7.78 27.32
C HIS A 182 -4.73 -6.98 28.14
N ASN A 183 -3.57 -6.62 27.58
CA ASN A 183 -2.59 -5.86 28.34
C ASN A 183 -2.64 -4.37 28.05
N VAL A 184 -3.77 -3.87 27.53
CA VAL A 184 -3.97 -2.44 27.26
C VAL A 184 -5.24 -1.99 27.96
N MET A 185 -5.08 -1.22 29.03
CA MET A 185 -6.20 -0.67 29.76
C MET A 185 -6.55 0.67 29.14
N ILE A 186 -7.83 0.89 28.87
CA ILE A 186 -8.29 2.17 28.35
C ILE A 186 -9.37 2.69 29.28
N ASP A 187 -9.21 3.92 29.74
CA ASP A 187 -10.24 4.66 30.46
C ASP A 187 -10.85 5.62 29.44
N HIS A 188 -11.77 5.09 28.62
CA HIS A 188 -12.23 5.83 27.45
C HIS A 188 -12.93 7.13 27.83
N GLU A 189 -13.52 7.18 29.03
CA GLU A 189 -14.09 8.42 29.53
C GLU A 189 -13.04 9.55 29.52
N HIS A 190 -11.84 9.27 30.03
CA HIS A 190 -10.77 10.24 30.15
C HIS A 190 -9.71 10.10 29.06
N ARG A 191 -9.94 9.23 28.07
CA ARG A 191 -9.03 9.03 26.95
C ARG A 191 -7.63 8.64 27.42
N LYS A 192 -7.59 7.77 28.42
CA LYS A 192 -6.36 7.35 29.08
C LYS A 192 -6.07 5.89 28.79
N LEU A 193 -4.80 5.59 28.56
CA LEU A 193 -4.36 4.26 28.24
C LEU A 193 -3.17 3.88 29.12
N ARG A 194 -3.16 2.64 29.60
CA ARG A 194 -2.05 2.10 30.38
C ARG A 194 -1.62 0.75 29.81
N LEU A 195 -0.34 0.61 29.51
CA LEU A 195 0.24 -0.68 29.14
C LEU A 195 0.61 -1.41 30.42
N ILE A 196 0.09 -2.62 30.60
CA ILE A 196 0.23 -3.34 31.86
C ILE A 196 0.87 -4.71 31.68
N ASP A 197 0.90 -5.48 32.76
CA ASP A 197 1.53 -6.80 32.86
C ASP A 197 2.92 -6.85 32.28
N TRP A 198 3.90 -6.43 33.07
CA TRP A 198 5.29 -6.45 32.67
C TRP A 198 6.04 -7.69 33.17
N GLY A 199 5.30 -8.77 33.47
CA GLY A 199 5.91 -9.97 33.99
C GLY A 199 6.68 -10.82 32.99
N LEU A 200 6.56 -10.56 31.68
CA LEU A 200 7.42 -11.19 30.69
C LEU A 200 8.46 -10.23 30.12
N ALA A 201 8.45 -8.97 30.54
CA ALA A 201 9.38 -7.98 30.01
C ALA A 201 10.83 -8.34 30.34
N GLU A 202 11.74 -7.93 29.46
CA GLU A 202 13.15 -8.27 29.60
C GLU A 202 14.02 -7.09 29.20
N PHE A 203 15.21 -7.05 29.78
CA PHE A 203 16.23 -6.10 29.34
C PHE A 203 16.87 -6.56 28.04
N TYR A 204 16.94 -5.66 27.05
CA TYR A 204 17.63 -6.01 25.82
C TYR A 204 19.15 -5.84 25.98
N HIS A 205 19.90 -6.88 25.60
CA HIS A 205 21.35 -6.83 25.59
C HIS A 205 21.81 -7.36 24.23
N PRO A 206 22.67 -6.63 23.52
CA PRO A 206 23.04 -7.10 22.18
C PRO A 206 23.75 -8.44 22.26
N GLY A 207 23.37 -9.34 21.35
CA GLY A 207 23.89 -10.69 21.31
C GLY A 207 23.28 -11.69 22.26
N GLN A 208 22.31 -11.28 23.09
CA GLN A 208 21.71 -12.21 24.02
C GLN A 208 20.65 -13.02 23.29
N GLU A 209 20.54 -14.29 23.67
CA GLU A 209 19.54 -15.19 23.09
C GLU A 209 18.43 -15.40 24.09
N TYR A 210 17.20 -15.16 23.66
CA TYR A 210 16.09 -15.16 24.59
C TYR A 210 15.26 -16.41 24.40
N ASN A 211 14.48 -16.70 25.42
CA ASN A 211 13.45 -17.72 25.31
C ASN A 211 12.42 -17.27 24.30
N VAL A 212 11.99 -18.20 23.45
CA VAL A 212 10.91 -17.93 22.50
C VAL A 212 9.54 -18.33 23.05
N ARG A 213 9.48 -19.08 24.15
CA ARG A 213 8.19 -19.45 24.75
C ARG A 213 7.73 -18.32 25.66
N VAL A 214 7.39 -17.20 25.02
CA VAL A 214 6.82 -16.01 25.66
C VAL A 214 5.72 -15.48 24.77
N ALA A 215 4.94 -14.53 25.32
CA ALA A 215 3.79 -13.93 24.66
C ALA A 215 2.70 -14.96 24.40
N SER A 216 1.59 -14.50 23.83
CA SER A 216 0.46 -15.34 23.49
C SER A 216 0.48 -15.68 22.01
N ARG A 217 0.28 -16.95 21.70
CA ARG A 217 0.31 -17.51 20.35
C ARG A 217 -0.08 -16.55 19.22
N TYR A 218 -1.26 -15.92 19.32
CA TYR A 218 -1.78 -15.12 18.22
C TYR A 218 -0.97 -13.86 17.97
N PHE A 219 -0.02 -13.51 18.84
CA PHE A 219 0.75 -12.29 18.71
C PHE A 219 2.24 -12.54 18.57
N LYS A 220 2.65 -13.81 18.48
CA LYS A 220 4.07 -14.14 18.40
C LYS A 220 4.63 -13.74 17.06
N GLY A 221 5.76 -13.03 17.08
CA GLY A 221 6.52 -12.76 15.89
C GLY A 221 7.03 -14.05 15.29
N PRO A 222 7.16 -14.07 13.97
CA PRO A 222 7.74 -15.25 13.32
C PRO A 222 9.06 -15.68 13.92
N GLU A 223 9.87 -14.75 14.44
CA GLU A 223 11.13 -15.12 15.09
C GLU A 223 10.88 -16.09 16.23
N LEU A 224 9.81 -15.88 17.00
CA LEU A 224 9.44 -16.83 18.04
C LEU A 224 8.99 -18.17 17.43
N LEU A 225 8.24 -18.12 16.33
CA LEU A 225 7.66 -19.34 15.78
C LEU A 225 8.73 -20.23 15.15
N VAL A 226 9.74 -19.63 14.51
CA VAL A 226 10.80 -20.41 13.88
C VAL A 226 11.95 -20.71 14.83
N ASP A 227 11.86 -20.25 16.07
CA ASP A 227 12.91 -20.41 17.08
C ASP A 227 14.17 -19.63 16.71
N TYR A 228 14.06 -18.31 16.61
CA TYR A 228 15.21 -17.44 16.42
C TYR A 228 15.38 -16.62 17.69
N GLN A 229 16.45 -16.86 18.43
CA GLN A 229 16.55 -16.42 19.81
C GLN A 229 17.19 -15.04 19.99
N MET A 230 17.83 -14.50 18.96
CA MET A 230 18.54 -13.24 19.10
C MET A 230 17.68 -12.07 18.68
N TYR A 231 16.45 -12.02 19.19
CA TYR A 231 15.50 -11.01 18.78
C TYR A 231 15.62 -9.77 19.68
N ASP A 232 14.74 -8.80 19.48
CA ASP A 232 14.92 -7.53 20.16
C ASP A 232 13.57 -6.80 20.27
N TYR A 233 13.62 -5.48 20.54
CA TYR A 233 12.41 -4.68 20.66
C TYR A 233 11.44 -4.85 19.50
N SER A 234 11.94 -5.21 18.31
CA SER A 234 11.05 -5.24 17.15
C SER A 234 9.99 -6.32 17.27
N LEU A 235 10.15 -7.21 18.26
CA LEU A 235 9.12 -8.20 18.56
C LEU A 235 7.81 -7.54 18.97
N ASP A 236 7.88 -6.48 19.79
CA ASP A 236 6.67 -5.80 20.23
C ASP A 236 5.93 -5.20 19.03
N MET A 237 6.69 -4.65 18.07
CA MET A 237 6.09 -4.05 16.88
C MET A 237 5.29 -5.06 16.07
N TRP A 238 5.76 -6.31 15.98
CA TRP A 238 4.91 -7.32 15.34
C TRP A 238 3.59 -7.45 16.08
N SER A 239 3.63 -7.69 17.39
CA SER A 239 2.38 -7.84 18.14
C SER A 239 1.47 -6.64 17.93
N LEU A 240 2.05 -5.44 17.90
CA LEU A 240 1.22 -4.27 17.73
C LEU A 240 0.51 -4.30 16.39
N GLY A 241 1.19 -4.79 15.35
CA GLY A 241 0.55 -4.92 14.05
C GLY A 241 -0.56 -5.95 14.04
N CYS A 242 -0.39 -7.03 14.81
CA CYS A 242 -1.47 -7.99 15.00
C CYS A 242 -2.71 -7.35 15.64
N MET A 243 -2.51 -6.56 16.70
CA MET A 243 -3.60 -5.78 17.27
C MET A 243 -4.22 -4.86 16.22
N LEU A 244 -3.40 -4.25 15.37
CA LEU A 244 -3.92 -3.30 14.41
C LEU A 244 -4.75 -4.03 13.35
N ALA A 245 -4.21 -5.12 12.80
CA ALA A 245 -4.92 -5.90 11.81
C ALA A 245 -6.25 -6.38 12.37
N SER A 246 -6.25 -6.87 13.61
CA SER A 246 -7.45 -7.40 14.23
C SER A 246 -8.54 -6.34 14.36
N MET A 247 -8.17 -5.10 14.62
CA MET A 247 -9.19 -4.09 14.84
C MET A 247 -9.74 -3.52 13.53
N ILE A 248 -8.88 -2.98 12.66
CA ILE A 248 -9.40 -2.33 11.45
C ILE A 248 -10.19 -3.32 10.60
N PHE A 249 -9.85 -4.61 10.64
CA PHE A 249 -10.53 -5.59 9.83
C PHE A 249 -11.68 -6.28 10.55
N ARG A 250 -11.85 -6.01 11.85
CA ARG A 250 -12.96 -6.59 12.61
C ARG A 250 -12.86 -8.11 12.56
N LYS A 251 -11.69 -8.62 12.92
CA LYS A 251 -11.38 -10.04 12.85
C LYS A 251 -10.43 -10.33 14.01
N GLU A 252 -10.94 -10.97 15.06
CA GLU A 252 -10.16 -11.21 16.26
C GLU A 252 -10.06 -12.72 16.49
N PRO A 253 -8.85 -13.28 16.61
CA PRO A 253 -7.57 -12.63 16.33
C PRO A 253 -7.31 -12.64 14.83
N PHE A 254 -6.34 -11.88 14.32
CA PHE A 254 -6.23 -11.82 12.88
C PHE A 254 -5.59 -13.08 12.29
N PHE A 255 -4.57 -13.61 12.96
CA PHE A 255 -3.95 -14.88 12.62
C PHE A 255 -4.43 -15.87 13.68
N HIS A 256 -5.34 -16.78 13.29
CA HIS A 256 -6.04 -17.65 14.25
C HIS A 256 -5.43 -19.05 14.14
N GLY A 257 -4.29 -19.24 14.79
CA GLY A 257 -3.55 -20.48 14.68
C GLY A 257 -4.05 -21.57 15.63
N HIS A 258 -4.18 -22.79 15.09
CA HIS A 258 -4.54 -23.95 15.91
C HIS A 258 -3.51 -24.20 17.01
N ASP A 259 -2.24 -23.93 16.74
CA ASP A 259 -1.14 -24.13 17.67
C ASP A 259 0.04 -23.31 17.17
N ASN A 260 1.22 -23.55 17.73
CA ASN A 260 2.33 -22.66 17.38
C ASN A 260 2.86 -22.94 15.97
N TYR A 261 2.66 -24.14 15.45
CA TYR A 261 3.15 -24.44 14.09
C TYR A 261 2.16 -23.96 13.05
N ASP A 262 0.87 -24.26 13.27
CA ASP A 262 -0.20 -23.74 12.45
C ASP A 262 -0.31 -22.22 12.51
N GLN A 263 0.34 -21.59 13.48
CA GLN A 263 0.36 -20.13 13.52
C GLN A 263 1.18 -19.57 12.38
N LEU A 264 2.38 -20.14 12.15
CA LEU A 264 3.20 -19.69 11.05
C LEU A 264 2.51 -19.92 9.71
N VAL A 265 1.75 -21.01 9.61
CA VAL A 265 0.95 -21.28 8.41
C VAL A 265 -0.04 -20.16 8.18
N ARG A 266 -0.77 -19.78 9.23
CA ARG A 266 -1.75 -18.71 9.09
C ARG A 266 -1.08 -17.41 8.64
N ILE A 267 0.11 -17.10 9.18
CA ILE A 267 0.84 -15.92 8.72
C ILE A 267 1.30 -16.11 7.29
N ALA A 268 1.77 -17.31 6.94
CA ALA A 268 2.26 -17.55 5.59
C ALA A 268 1.16 -17.33 4.55
N LYS A 269 -0.07 -17.74 4.86
CA LYS A 269 -1.13 -17.58 3.88
C LYS A 269 -1.47 -16.13 3.61
N VAL A 270 -1.02 -15.20 4.45
CA VAL A 270 -1.28 -13.78 4.26
C VAL A 270 -0.03 -13.09 3.71
N LEU A 271 1.08 -13.20 4.43
CA LEU A 271 2.31 -12.53 4.05
C LEU A 271 3.05 -13.22 2.91
N GLY A 272 2.62 -14.41 2.50
CA GLY A 272 3.29 -15.17 1.46
C GLY A 272 4.49 -15.92 2.00
N THR A 273 4.90 -16.92 1.23
CA THR A 273 6.03 -17.75 1.64
C THR A 273 7.37 -17.31 1.07
N GLU A 274 7.38 -16.59 -0.06
CA GLU A 274 8.64 -16.15 -0.61
C GLU A 274 9.45 -15.37 0.42
N ASP A 275 8.80 -14.41 1.11
CA ASP A 275 9.55 -13.66 2.12
C ASP A 275 9.94 -14.55 3.29
N LEU A 276 9.15 -15.60 3.54
CA LEU A 276 9.44 -16.48 4.67
C LEU A 276 10.76 -17.21 4.45
N TYR A 277 10.88 -17.94 3.32
CA TYR A 277 12.09 -18.70 3.07
C TYR A 277 13.30 -17.81 2.79
N ASP A 278 13.07 -16.54 2.44
CA ASP A 278 14.18 -15.59 2.39
C ASP A 278 14.63 -15.20 3.78
N TYR A 279 13.67 -14.88 4.66
CA TYR A 279 13.97 -14.65 6.07
C TYR A 279 14.71 -15.84 6.66
N ILE A 280 14.25 -17.06 6.34
CA ILE A 280 14.93 -18.26 6.82
C ILE A 280 16.36 -18.30 6.31
N ASP A 281 16.54 -18.18 4.99
CA ASP A 281 17.88 -18.19 4.42
C ASP A 281 18.73 -17.05 4.96
N LYS A 282 18.13 -15.87 5.14
CA LYS A 282 18.92 -14.70 5.54
C LYS A 282 19.53 -14.89 6.92
N TYR A 283 18.87 -15.59 7.83
CA TYR A 283 19.41 -15.78 9.16
C TYR A 283 19.94 -17.19 9.38
N ASN A 284 20.09 -17.97 8.29
CA ASN A 284 20.46 -19.37 8.31
C ASN A 284 19.71 -20.10 9.40
N ILE A 285 18.40 -19.84 9.48
CA ILE A 285 17.54 -20.43 10.50
C ILE A 285 17.22 -21.87 10.09
N GLU A 286 17.57 -22.82 10.94
CA GLU A 286 17.21 -24.21 10.70
C GLU A 286 15.76 -24.42 11.12
N LEU A 287 14.92 -24.82 10.17
CA LEU A 287 13.49 -24.95 10.41
C LEU A 287 13.15 -26.35 10.89
N ASP A 288 12.10 -26.43 11.71
CA ASP A 288 11.65 -27.71 12.23
C ASP A 288 11.20 -28.61 11.08
N PRO A 289 11.45 -29.92 11.15
CA PRO A 289 10.94 -30.82 10.09
C PRO A 289 9.42 -31.00 10.09
N ARG A 290 8.72 -30.61 11.17
CA ARG A 290 7.27 -30.48 11.07
C ARG A 290 6.88 -29.49 9.98
N PHE A 291 7.70 -28.44 9.78
CA PHE A 291 7.30 -27.28 8.99
C PHE A 291 7.31 -27.56 7.49
N ASN A 292 8.22 -28.40 6.98
CA ASN A 292 8.35 -28.54 5.53
C ASN A 292 7.01 -28.79 4.88
N ASP A 293 6.25 -29.73 5.45
CA ASP A 293 5.02 -30.19 4.83
C ASP A 293 3.81 -29.64 5.56
N ILE A 294 3.75 -28.33 5.73
CA ILE A 294 2.55 -27.71 6.29
C ILE A 294 2.55 -26.23 5.87
N LEU A 295 3.73 -25.69 5.57
CA LEU A 295 3.78 -24.33 5.06
C LEU A 295 3.38 -24.28 3.59
N GLY A 296 3.99 -25.14 2.77
CA GLY A 296 3.66 -25.17 1.36
C GLY A 296 4.18 -23.93 0.64
N ARG A 297 3.35 -23.41 -0.28
CA ARG A 297 3.69 -22.26 -1.10
C ARG A 297 2.47 -21.33 -1.17
N HIS A 298 2.67 -20.06 -0.82
CA HIS A 298 1.57 -19.09 -0.80
C HIS A 298 2.08 -17.72 -1.25
N SER A 299 1.19 -16.99 -1.93
CA SER A 299 1.49 -15.66 -2.42
C SER A 299 1.23 -14.62 -1.34
N ARG A 300 1.97 -13.52 -1.38
CA ARG A 300 1.68 -12.42 -0.49
C ARG A 300 0.33 -11.82 -0.89
N LYS A 301 -0.63 -11.84 0.01
CA LYS A 301 -1.94 -11.31 -0.31
C LYS A 301 -1.95 -9.80 -0.21
N ARG A 302 -2.75 -9.17 -1.08
CA ARG A 302 -3.04 -7.76 -0.96
C ARG A 302 -4.09 -7.56 0.13
N TRP A 303 -3.92 -6.52 0.94
CA TRP A 303 -4.78 -6.30 2.09
C TRP A 303 -6.24 -6.07 1.71
N GLU A 304 -6.52 -5.67 0.47
CA GLU A 304 -7.89 -5.38 0.07
C GLU A 304 -8.77 -6.61 0.20
N ARG A 305 -8.19 -7.81 0.13
CA ARG A 305 -9.00 -9.01 0.25
C ARG A 305 -9.47 -9.28 1.68
N PHE A 306 -9.17 -8.41 2.64
CA PHE A 306 -9.69 -8.50 4.00
C PHE A 306 -10.64 -7.37 4.32
N VAL A 307 -10.83 -6.44 3.41
CA VAL A 307 -11.82 -5.39 3.53
C VAL A 307 -13.18 -5.93 3.10
N HIS A 308 -14.24 -5.46 3.75
CA HIS A 308 -15.62 -5.80 3.40
C HIS A 308 -16.56 -4.75 4.00
N SER A 309 -17.85 -4.89 3.71
CA SER A 309 -18.81 -3.83 3.99
C SER A 309 -18.86 -3.46 5.48
N GLU A 310 -18.66 -4.42 6.37
CA GLU A 310 -18.79 -4.12 7.79
C GLU A 310 -17.48 -3.61 8.43
N ASN A 311 -16.41 -3.39 7.65
CA ASN A 311 -15.21 -2.77 8.23
C ASN A 311 -14.57 -1.68 7.37
N GLN A 312 -15.16 -1.32 6.21
CA GLN A 312 -14.60 -0.25 5.39
C GLN A 312 -14.35 1.01 6.19
N HIS A 313 -15.23 1.31 7.14
CA HIS A 313 -15.17 2.60 7.81
C HIS A 313 -13.89 2.77 8.62
N LEU A 314 -13.16 1.69 8.89
CA LEU A 314 -11.91 1.73 9.62
C LEU A 314 -10.68 1.54 8.75
N VAL A 315 -10.85 1.09 7.50
CA VAL A 315 -9.74 0.81 6.59
C VAL A 315 -9.52 2.01 5.67
N SER A 316 -8.29 2.44 5.55
CA SER A 316 -7.88 3.52 4.67
C SER A 316 -6.53 3.16 4.05
N PRO A 317 -6.14 3.84 2.96
CA PRO A 317 -4.79 3.59 2.41
C PRO A 317 -3.71 3.75 3.46
N GLU A 318 -3.80 4.78 4.29
CA GLU A 318 -2.82 5.00 5.35
C GLU A 318 -2.81 3.84 6.33
N ALA A 319 -3.99 3.36 6.73
CA ALA A 319 -4.04 2.21 7.63
C ALA A 319 -3.31 1.04 7.03
N LEU A 320 -3.59 0.72 5.76
CA LEU A 320 -3.01 -0.46 5.16
C LEU A 320 -1.50 -0.33 5.04
N ASP A 321 -1.02 0.84 4.59
CA ASP A 321 0.42 1.06 4.48
C ASP A 321 1.10 0.93 5.85
N PHE A 322 0.52 1.53 6.88
CA PHE A 322 1.10 1.38 8.21
C PHE A 322 1.12 -0.08 8.63
N LEU A 323 0.03 -0.81 8.36
CA LEU A 323 -0.04 -2.19 8.82
C LEU A 323 1.02 -3.04 8.13
N ASP A 324 1.17 -2.85 6.82
CA ASP A 324 2.13 -3.62 6.03
C ASP A 324 3.54 -3.44 6.58
N LYS A 325 3.87 -2.23 6.99
CA LYS A 325 5.20 -1.92 7.48
C LYS A 325 5.42 -2.38 8.92
N LEU A 326 4.43 -2.98 9.58
CA LEU A 326 4.65 -3.65 10.86
C LEU A 326 4.74 -5.16 10.71
N LEU A 327 3.96 -5.74 9.79
CA LEU A 327 3.86 -7.20 9.66
C LEU A 327 4.88 -7.70 8.62
N ARG A 328 6.14 -7.76 9.04
CA ARG A 328 7.21 -8.27 8.21
C ARG A 328 7.92 -9.41 8.94
N TYR A 329 8.26 -10.47 8.20
CA TYR A 329 9.02 -11.57 8.78
C TYR A 329 10.31 -11.06 9.39
N ASP A 330 11.18 -10.46 8.56
CA ASP A 330 12.41 -9.87 9.06
C ASP A 330 12.08 -8.80 10.09
N HIS A 331 12.53 -9.03 11.33
CA HIS A 331 12.29 -8.06 12.38
C HIS A 331 13.04 -6.76 12.13
N GLN A 332 14.16 -6.80 11.39
CA GLN A 332 14.93 -5.59 11.19
C GLN A 332 14.15 -4.58 10.37
N SER A 333 13.36 -5.04 9.40
CA SER A 333 12.64 -4.15 8.53
C SER A 333 11.27 -3.73 9.06
N ARG A 334 10.83 -4.21 10.21
CA ARG A 334 9.66 -3.60 10.84
C ARG A 334 10.02 -2.20 11.31
N LEU A 335 9.05 -1.29 11.22
CA LEU A 335 9.24 0.04 11.79
C LEU A 335 9.62 -0.03 13.26
N THR A 336 10.44 0.92 13.69
CA THR A 336 10.58 1.14 15.11
C THR A 336 9.36 1.88 15.65
N ALA A 337 9.19 1.83 16.97
CA ALA A 337 8.08 2.58 17.56
C ALA A 337 8.16 4.05 17.15
N ARG A 338 9.34 4.65 17.25
CA ARG A 338 9.47 6.06 16.86
C ARG A 338 9.11 6.26 15.39
N GLU A 339 9.66 5.43 14.50
CA GLU A 339 9.30 5.52 13.08
C GLU A 339 7.79 5.40 12.89
N ALA A 340 7.17 4.41 13.58
CA ALA A 340 5.71 4.24 13.49
C ALA A 340 4.98 5.52 13.80
N MET A 341 5.38 6.18 14.90
CA MET A 341 4.68 7.37 15.37
C MET A 341 4.80 8.54 14.41
N GLU A 342 5.62 8.43 13.37
CA GLU A 342 5.69 9.47 12.35
C GLU A 342 4.92 9.08 11.10
N HIS A 343 4.29 7.91 11.08
CA HIS A 343 3.59 7.47 9.89
C HIS A 343 2.35 8.33 9.63
N PRO A 344 2.04 8.59 8.34
CA PRO A 344 0.84 9.39 8.00
C PRO A 344 -0.47 8.93 8.63
N TYR A 345 -0.58 7.64 9.01
CA TYR A 345 -1.76 7.19 9.74
C TYR A 345 -2.05 8.04 10.98
N PHE A 346 -1.04 8.66 11.59
CA PHE A 346 -1.23 9.41 12.82
C PHE A 346 -1.20 10.93 12.64
N TYR A 347 -1.24 11.44 11.41
CA TYR A 347 -1.11 12.88 11.21
C TYR A 347 -2.18 13.69 11.97
N THR A 348 -3.44 13.24 11.96
CA THR A 348 -4.45 14.07 12.64
C THR A 348 -4.31 13.92 14.15
N VAL A 349 -3.96 12.73 14.64
CA VAL A 349 -3.83 12.53 16.09
C VAL A 349 -2.72 13.41 16.63
N VAL A 350 -1.65 13.58 15.86
CA VAL A 350 -0.52 14.40 16.28
C VAL A 350 -0.90 15.88 16.31
N LYS A 351 -1.70 16.34 15.35
CA LYS A 351 -2.14 17.73 15.34
C LYS A 351 -2.86 18.09 16.65
N ASP A 352 -3.87 17.30 17.03
CA ASP A 352 -4.74 17.67 18.15
C ASP A 352 -3.96 17.78 19.45
N GLN A 353 -2.91 17.00 19.61
CA GLN A 353 -2.08 17.06 20.80
C GLN A 353 -1.29 18.36 20.92
N ALA A 354 -1.40 19.24 19.94
CA ALA A 354 -0.86 20.59 20.05
C ALA A 354 -1.97 21.64 19.83
N SER B 24 -9.85 -24.95 -26.84
CA SER B 24 -8.48 -25.40 -26.60
C SER B 24 -7.48 -24.27 -26.89
N GLY B 25 -8.02 -23.12 -27.30
CA GLY B 25 -7.25 -21.90 -27.45
C GLY B 25 -7.45 -20.95 -26.28
N PRO B 26 -7.30 -19.64 -26.50
CA PRO B 26 -7.45 -18.67 -25.40
C PRO B 26 -8.88 -18.63 -24.90
N VAL B 27 -9.03 -18.28 -23.62
CA VAL B 27 -10.35 -18.12 -23.01
C VAL B 27 -10.91 -16.76 -23.41
N PRO B 28 -12.19 -16.65 -23.76
CA PRO B 28 -12.74 -15.35 -24.18
C PRO B 28 -12.73 -14.33 -23.03
N SER B 29 -12.94 -13.06 -23.41
CA SER B 29 -12.94 -11.94 -22.47
C SER B 29 -13.83 -10.82 -23.01
N ARG B 30 -14.50 -10.12 -22.09
CA ARG B 30 -15.32 -8.96 -22.39
C ARG B 30 -14.97 -7.81 -21.45
N ALA B 31 -15.05 -6.57 -21.95
CA ALA B 31 -14.90 -5.40 -21.08
C ALA B 31 -15.98 -5.39 -20.01
N ARG B 32 -15.59 -5.15 -18.77
CA ARG B 32 -16.60 -5.21 -17.73
C ARG B 32 -17.39 -3.91 -17.59
N VAL B 33 -17.12 -2.91 -18.43
CA VAL B 33 -17.92 -1.70 -18.50
C VAL B 33 -17.99 -1.25 -19.96
N TYR B 34 -19.08 -0.57 -20.31
CA TYR B 34 -19.27 -0.06 -21.66
C TYR B 34 -19.11 -1.16 -22.70
N THR B 35 -19.48 -2.38 -22.33
CA THR B 35 -19.28 -3.52 -23.21
C THR B 35 -19.99 -3.33 -24.54
N ASP B 36 -21.28 -3.00 -24.49
CA ASP B 36 -22.11 -3.06 -25.69
C ASP B 36 -22.43 -1.70 -26.28
N VAL B 37 -21.68 -0.65 -25.93
CA VAL B 37 -22.08 0.68 -26.37
C VAL B 37 -22.10 0.77 -27.89
N ASN B 38 -21.11 0.18 -28.56
CA ASN B 38 -21.08 0.26 -30.02
C ASN B 38 -22.22 -0.55 -30.64
N THR B 39 -22.60 -1.68 -30.03
CA THR B 39 -23.68 -2.45 -30.59
C THR B 39 -24.99 -1.65 -30.58
N HIS B 40 -25.12 -0.71 -29.66
CA HIS B 40 -26.34 0.06 -29.51
C HIS B 40 -26.32 1.35 -30.32
N ARG B 41 -25.30 1.56 -31.12
CA ARG B 41 -25.23 2.75 -31.95
C ARG B 41 -25.47 2.38 -33.41
N PRO B 42 -25.88 3.34 -34.24
CA PRO B 42 -26.00 3.04 -35.68
C PRO B 42 -24.67 2.53 -36.19
N ARG B 43 -24.73 1.76 -37.27
CA ARG B 43 -23.51 1.15 -37.78
C ARG B 43 -22.52 2.21 -38.25
N GLU B 44 -23.03 3.30 -38.86
CA GLU B 44 -22.14 4.34 -39.34
C GLU B 44 -21.21 4.84 -38.24
N TYR B 45 -21.57 4.66 -36.97
CA TYR B 45 -20.79 5.25 -35.88
C TYR B 45 -19.41 4.61 -35.80
N TRP B 46 -19.33 3.28 -35.86
CA TRP B 46 -18.06 2.58 -35.69
C TRP B 46 -17.51 1.98 -36.97
N ASP B 47 -18.31 1.87 -38.03
CA ASP B 47 -17.87 1.25 -39.28
C ASP B 47 -17.11 2.31 -40.10
N TYR B 48 -15.91 2.61 -39.62
CA TYR B 48 -15.14 3.69 -40.22
C TYR B 48 -14.69 3.35 -41.63
N GLU B 49 -14.63 2.07 -41.98
CA GLU B 49 -14.14 1.69 -43.29
C GLU B 49 -14.97 2.32 -44.41
N SER B 50 -16.28 2.49 -44.21
CA SER B 50 -17.12 3.08 -45.23
C SER B 50 -17.47 4.54 -44.93
N HIS B 51 -16.71 5.19 -44.07
CA HIS B 51 -16.87 6.62 -43.82
C HIS B 51 -16.30 7.44 -44.97
N VAL B 52 -17.09 8.32 -45.54
CA VAL B 52 -16.60 9.21 -46.60
C VAL B 52 -16.12 10.49 -45.95
N VAL B 53 -14.91 10.92 -46.30
CA VAL B 53 -14.28 12.09 -45.69
C VAL B 53 -14.46 13.29 -46.61
N GLU B 54 -14.69 14.46 -46.02
CA GLU B 54 -14.89 15.69 -46.78
C GLU B 54 -13.64 16.56 -46.65
N TRP B 55 -12.79 16.49 -47.67
CA TRP B 55 -11.55 17.26 -47.69
C TRP B 55 -11.81 18.74 -47.87
N GLY B 56 -11.11 19.55 -47.06
CA GLY B 56 -11.02 20.98 -47.29
C GLY B 56 -9.83 21.32 -48.15
N ASN B 57 -9.54 22.60 -48.22
CA ASN B 57 -8.44 23.13 -49.00
C ASN B 57 -7.24 23.35 -48.09
N GLN B 58 -6.08 22.78 -48.44
CA GLN B 58 -4.87 23.10 -47.67
C GLN B 58 -4.58 24.60 -47.74
N ASP B 59 -5.06 25.28 -48.79
CA ASP B 59 -4.78 26.69 -49.01
C ASP B 59 -5.43 27.62 -48.01
N ASP B 60 -6.27 27.14 -47.11
CA ASP B 60 -6.68 28.04 -46.04
C ASP B 60 -5.64 28.11 -44.93
N TYR B 61 -4.54 27.37 -45.07
CA TYR B 61 -3.57 27.17 -44.00
C TYR B 61 -2.16 27.38 -44.55
N GLN B 62 -1.38 28.19 -43.86
CA GLN B 62 0.04 28.32 -44.13
C GLN B 62 0.78 27.74 -42.93
N LEU B 63 1.78 26.91 -43.21
CA LEU B 63 2.53 26.34 -42.10
C LEU B 63 3.50 27.38 -41.57
N VAL B 64 3.60 27.47 -40.25
CA VAL B 64 4.50 28.42 -39.62
C VAL B 64 5.82 27.79 -39.22
N ARG B 65 5.79 26.69 -38.46
CA ARG B 65 7.04 26.06 -38.05
C ARG B 65 6.78 24.63 -37.60
N LYS B 66 7.81 23.80 -37.70
CA LYS B 66 7.69 22.41 -37.27
C LYS B 66 7.64 22.32 -35.76
N LEU B 67 6.79 21.44 -35.23
CA LEU B 67 6.60 21.27 -33.80
C LEU B 67 6.95 19.90 -33.28
N GLY B 68 6.97 18.88 -34.16
CA GLY B 68 7.35 17.55 -33.77
C GLY B 68 7.35 16.61 -34.96
N ARG B 69 8.16 15.57 -34.89
CA ARG B 69 8.11 14.50 -35.86
C ARG B 69 7.68 13.23 -35.14
N GLY B 70 7.15 12.28 -35.91
CA GLY B 70 6.74 11.02 -35.34
C GLY B 70 6.86 9.85 -36.32
N LYS B 71 6.35 8.70 -35.91
CA LYS B 71 6.42 7.52 -36.77
C LYS B 71 5.41 7.60 -37.92
N TYR B 72 4.28 8.29 -37.71
CA TYR B 72 3.21 8.36 -38.69
C TYR B 72 2.87 9.78 -39.13
N SER B 73 3.58 10.80 -38.65
CA SER B 73 3.12 12.16 -38.89
C SER B 73 4.18 13.18 -38.46
N GLU B 74 4.03 14.37 -39.00
CA GLU B 74 4.77 15.55 -38.57
C GLU B 74 3.76 16.63 -38.22
N VAL B 75 4.04 17.38 -37.17
CA VAL B 75 3.09 18.34 -36.63
C VAL B 75 3.67 19.75 -36.76
N PHE B 76 2.88 20.65 -37.33
CA PHE B 76 3.31 22.02 -37.61
C PHE B 76 2.39 23.01 -36.92
N GLU B 77 2.98 24.09 -36.44
CA GLU B 77 2.18 25.27 -36.16
C GLU B 77 1.80 25.89 -37.49
N ALA B 78 0.55 26.38 -37.59
CA ALA B 78 0.04 26.94 -38.83
C ALA B 78 -0.99 28.04 -38.56
N ILE B 79 -1.15 28.94 -39.53
CA ILE B 79 -2.18 29.97 -39.48
C ILE B 79 -3.27 29.62 -40.49
N ASN B 80 -4.51 29.77 -40.05
CA ASN B 80 -5.70 29.72 -40.90
C ASN B 80 -5.93 31.13 -41.44
N ILE B 81 -5.65 31.36 -42.72
CA ILE B 81 -5.63 32.72 -43.27
C ILE B 81 -7.04 33.24 -43.57
N THR B 82 -8.07 32.46 -43.25
CA THR B 82 -9.43 32.97 -43.42
C THR B 82 -9.86 33.80 -42.22
N ASN B 83 -9.53 33.34 -41.01
CA ASN B 83 -9.88 34.02 -39.76
C ASN B 83 -8.65 34.37 -38.91
N ASN B 84 -7.43 34.26 -39.47
CA ASN B 84 -6.17 34.47 -38.74
C ASN B 84 -6.09 33.70 -37.42
N GLU B 85 -6.78 32.56 -37.32
CA GLU B 85 -6.70 31.72 -36.13
C GLU B 85 -5.41 30.89 -36.14
N LYS B 86 -4.76 30.77 -34.98
CA LYS B 86 -3.61 29.89 -34.85
C LYS B 86 -4.09 28.44 -34.74
N VAL B 87 -3.44 27.55 -35.50
CA VAL B 87 -3.92 26.20 -35.76
C VAL B 87 -2.71 25.27 -35.78
N VAL B 88 -2.96 23.96 -35.75
CA VAL B 88 -1.89 22.97 -35.83
C VAL B 88 -2.23 21.97 -36.93
N VAL B 89 -1.28 21.73 -37.85
CA VAL B 89 -1.49 20.84 -38.98
C VAL B 89 -0.62 19.61 -38.77
N LYS B 90 -1.20 18.43 -39.01
CA LYS B 90 -0.55 17.13 -38.82
C LYS B 90 -0.50 16.37 -40.15
N ILE B 91 0.56 16.59 -40.93
CA ILE B 91 0.71 15.86 -42.19
C ILE B 91 0.88 14.37 -41.88
N LEU B 92 0.10 13.51 -42.54
CA LEU B 92 0.18 12.08 -42.30
C LEU B 92 1.15 11.40 -43.29
N LYS B 93 2.15 10.68 -42.75
CA LYS B 93 2.96 9.79 -43.57
C LYS B 93 2.07 8.67 -44.13
N PRO B 94 2.46 8.09 -45.25
CA PRO B 94 1.58 7.11 -45.91
C PRO B 94 1.16 5.94 -45.01
N VAL B 95 -0.14 5.65 -45.02
CA VAL B 95 -0.75 4.52 -44.33
C VAL B 95 -1.97 4.10 -45.13
N LYS B 96 -2.45 2.89 -44.86
CA LYS B 96 -3.69 2.41 -45.44
C LYS B 96 -4.81 3.42 -45.21
N LYS B 97 -5.59 3.71 -46.27
CA LYS B 97 -6.71 4.63 -46.13
C LYS B 97 -7.65 4.21 -45.00
N LYS B 98 -7.72 2.90 -44.74
CA LYS B 98 -8.43 2.36 -43.57
C LYS B 98 -8.03 3.07 -42.30
N LYS B 99 -6.73 3.29 -42.11
CA LYS B 99 -6.22 3.83 -40.86
C LYS B 99 -6.53 5.32 -40.72
N ILE B 100 -6.52 6.05 -41.84
CA ILE B 100 -6.84 7.48 -41.77
C ILE B 100 -8.31 7.67 -41.47
N LYS B 101 -9.17 6.97 -42.23
CA LYS B 101 -10.59 6.96 -41.92
C LYS B 101 -10.84 6.66 -40.44
N ARG B 102 -10.06 5.74 -39.86
CA ARG B 102 -10.27 5.40 -38.46
C ARG B 102 -9.96 6.57 -37.53
N GLU B 103 -8.79 7.20 -37.67
CA GLU B 103 -8.48 8.34 -36.80
C GLU B 103 -9.54 9.42 -36.94
N ILE B 104 -9.92 9.74 -38.19
CA ILE B 104 -10.86 10.83 -38.42
C ILE B 104 -12.21 10.51 -37.77
N LYS B 105 -12.72 9.29 -38.01
CA LYS B 105 -14.01 8.93 -37.46
C LYS B 105 -14.03 9.05 -35.94
N ILE B 106 -12.92 8.65 -35.30
CA ILE B 106 -12.85 8.68 -33.84
C ILE B 106 -12.73 10.11 -33.33
N LEU B 107 -11.89 10.94 -33.97
CA LEU B 107 -11.85 12.36 -33.62
C LEU B 107 -13.23 13.01 -33.77
N GLU B 108 -13.96 12.69 -34.83
CA GLU B 108 -15.28 13.28 -35.04
C GLU B 108 -16.29 12.79 -34.01
N ASN B 109 -16.22 11.52 -33.63
CA ASN B 109 -17.07 11.02 -32.57
C ASN B 109 -16.72 11.67 -31.23
N LEU B 110 -15.44 11.89 -30.95
CA LEU B 110 -15.07 12.39 -29.63
C LEU B 110 -15.06 13.91 -29.53
N ARG B 111 -15.22 14.62 -30.64
CA ARG B 111 -15.19 16.08 -30.62
C ARG B 111 -16.14 16.61 -29.54
N GLY B 112 -15.66 17.57 -28.77
CA GLY B 112 -16.44 18.17 -27.71
C GLY B 112 -16.39 17.43 -26.39
N GLY B 113 -15.89 16.19 -26.36
CA GLY B 113 -15.79 15.47 -25.11
C GLY B 113 -14.72 16.13 -24.26
N PRO B 114 -14.85 16.01 -22.95
CA PRO B 114 -13.92 16.69 -22.05
C PRO B 114 -12.48 16.30 -22.34
N ASN B 115 -11.64 17.30 -22.53
CA ASN B 115 -10.19 17.15 -22.60
C ASN B 115 -9.71 16.36 -23.82
N ILE B 116 -10.54 16.23 -24.85
CA ILE B 116 -10.14 15.61 -26.12
C ILE B 116 -9.75 16.72 -27.08
N ILE B 117 -8.58 16.57 -27.72
CA ILE B 117 -8.15 17.55 -28.72
C ILE B 117 -9.20 17.65 -29.83
N THR B 118 -9.45 18.89 -30.28
CA THR B 118 -10.49 19.17 -31.26
C THR B 118 -9.97 19.05 -32.69
N LEU B 119 -10.58 18.19 -33.48
CA LEU B 119 -10.31 18.18 -34.91
C LEU B 119 -11.10 19.32 -35.57
N ALA B 120 -10.37 20.23 -36.21
CA ALA B 120 -10.90 21.43 -36.85
C ALA B 120 -11.16 21.27 -38.34
N ASP B 121 -10.31 20.56 -39.06
CA ASP B 121 -10.48 20.43 -40.50
C ASP B 121 -9.67 19.24 -40.99
N ILE B 122 -9.94 18.87 -42.24
CA ILE B 122 -9.34 17.75 -42.95
C ILE B 122 -9.00 18.24 -44.34
N VAL B 123 -7.73 18.28 -44.70
CA VAL B 123 -7.33 18.87 -45.96
C VAL B 123 -6.36 17.91 -46.65
N LYS B 124 -6.23 18.10 -47.96
CA LYS B 124 -5.34 17.29 -48.79
C LYS B 124 -4.52 18.25 -49.63
N ASP B 125 -3.21 18.06 -49.65
CA ASP B 125 -2.38 18.89 -50.51
C ASP B 125 -2.78 18.69 -51.97
N PRO B 126 -3.01 19.75 -52.74
CA PRO B 126 -3.54 19.55 -54.11
C PRO B 126 -2.64 18.69 -55.02
N VAL B 127 -1.32 18.91 -55.03
CA VAL B 127 -0.40 18.18 -55.90
C VAL B 127 0.03 16.85 -55.28
N SER B 128 0.76 16.90 -54.15
CA SER B 128 1.15 15.68 -53.43
C SER B 128 -0.03 14.75 -53.20
N ARG B 129 -1.17 15.29 -52.78
CA ARG B 129 -2.38 14.54 -52.44
C ARG B 129 -2.22 13.72 -51.16
N THR B 130 -1.23 14.09 -50.32
CA THR B 130 -1.07 13.52 -49.00
C THR B 130 -2.10 14.11 -48.04
N PRO B 131 -2.61 13.32 -47.11
CA PRO B 131 -3.66 13.82 -46.20
C PRO B 131 -3.06 14.50 -44.99
N ALA B 132 -3.83 15.45 -44.44
CA ALA B 132 -3.37 16.17 -43.26
C ALA B 132 -4.57 16.55 -42.41
N LEU B 133 -4.41 16.45 -41.10
CA LEU B 133 -5.47 16.80 -40.16
C LEU B 133 -5.13 18.12 -39.48
N VAL B 134 -6.13 18.99 -39.35
CA VAL B 134 -5.97 20.31 -38.75
C VAL B 134 -6.66 20.31 -37.39
N PHE B 135 -5.91 20.70 -36.35
CA PHE B 135 -6.37 20.64 -34.96
C PHE B 135 -6.34 22.02 -34.32
N GLU B 136 -7.06 22.14 -33.20
CA GLU B 136 -6.96 23.31 -32.33
C GLU B 136 -5.54 23.44 -31.81
N HIS B 137 -5.13 24.68 -31.52
CA HIS B 137 -3.80 24.92 -30.97
C HIS B 137 -3.87 24.97 -29.45
N VAL B 138 -2.88 24.35 -28.80
CA VAL B 138 -2.78 24.34 -27.35
C VAL B 138 -1.46 24.98 -26.96
N ASN B 139 -1.48 25.80 -25.91
CA ASN B 139 -0.27 26.48 -25.47
C ASN B 139 0.56 25.50 -24.64
N ASN B 140 1.22 24.58 -25.33
CA ASN B 140 2.01 23.56 -24.64
C ASN B 140 3.05 24.24 -23.73
N THR B 141 3.14 23.75 -22.49
CA THR B 141 4.06 24.29 -21.51
C THR B 141 5.36 23.51 -21.53
N ASP B 142 6.48 24.23 -21.62
CA ASP B 142 7.81 23.63 -21.55
C ASP B 142 7.92 22.67 -20.38
N PHE B 143 7.70 21.38 -20.65
CA PHE B 143 7.80 20.34 -19.63
C PHE B 143 9.19 20.26 -19.01
N LYS B 144 10.22 20.86 -19.62
CA LYS B 144 11.55 20.84 -19.04
C LYS B 144 11.56 21.51 -17.67
N GLN B 145 11.05 22.75 -17.58
CA GLN B 145 10.92 23.39 -16.27
C GLN B 145 9.82 22.76 -15.44
N LEU B 146 8.84 22.11 -16.08
CA LEU B 146 7.73 21.51 -15.33
C LEU B 146 8.21 20.37 -14.43
N TYR B 147 9.13 19.52 -14.94
CA TYR B 147 9.49 18.32 -14.21
C TYR B 147 10.17 18.61 -12.87
N GLN B 148 10.69 19.83 -12.67
CA GLN B 148 11.31 20.20 -11.40
C GLN B 148 10.43 21.06 -10.50
N THR B 149 9.35 21.63 -11.02
CA THR B 149 8.35 22.32 -10.19
C THR B 149 7.06 21.52 -10.05
N LEU B 150 7.07 20.25 -10.44
CA LEU B 150 5.85 19.45 -10.42
C LEU B 150 5.49 19.11 -8.99
N THR B 151 4.36 19.63 -8.53
CA THR B 151 3.94 19.36 -7.16
C THR B 151 3.01 18.13 -7.12
N ASP B 152 2.82 17.62 -5.91
CA ASP B 152 1.99 16.43 -5.73
C ASP B 152 0.56 16.71 -6.14
N TYR B 153 0.07 17.92 -5.87
CA TYR B 153 -1.26 18.30 -6.35
C TYR B 153 -1.28 18.36 -7.87
N ASP B 154 -0.20 18.84 -8.50
CA ASP B 154 -0.11 18.89 -9.95
C ASP B 154 -0.39 17.51 -10.56
N ILE B 155 0.26 16.47 -10.04
CA ILE B 155 0.11 15.13 -10.59
C ILE B 155 -1.32 14.63 -10.40
N ARG B 156 -1.89 14.84 -9.22
CA ARG B 156 -3.26 14.43 -8.96
C ARG B 156 -4.23 15.18 -9.85
N PHE B 157 -4.06 16.50 -9.97
CA PHE B 157 -4.95 17.28 -10.83
C PHE B 157 -4.87 16.84 -12.28
N TYR B 158 -3.66 16.76 -12.84
CA TYR B 158 -3.56 16.39 -14.25
C TYR B 158 -3.89 14.91 -14.48
N MET B 159 -3.66 14.04 -13.49
CA MET B 159 -4.14 12.67 -13.68
C MET B 159 -5.65 12.64 -13.74
N TYR B 160 -6.31 13.41 -12.87
CA TYR B 160 -7.76 13.47 -12.93
C TYR B 160 -8.23 13.94 -14.30
N GLU B 161 -7.49 14.87 -14.92
CA GLU B 161 -7.90 15.36 -16.24
C GLU B 161 -7.76 14.28 -17.33
N ILE B 162 -6.66 13.51 -17.30
CA ILE B 162 -6.54 12.41 -18.24
C ILE B 162 -7.69 11.43 -18.07
N LEU B 163 -8.09 11.16 -16.82
CA LEU B 163 -9.12 10.17 -16.56
C LEU B 163 -10.47 10.60 -17.15
N LYS B 164 -10.81 11.89 -17.05
CA LYS B 164 -12.00 12.41 -17.73
C LYS B 164 -11.96 12.10 -19.22
N ALA B 165 -10.80 12.26 -19.85
CA ALA B 165 -10.74 11.96 -21.27
C ALA B 165 -10.91 10.47 -21.51
N LEU B 166 -10.27 9.64 -20.66
CA LEU B 166 -10.36 8.20 -20.82
C LEU B 166 -11.77 7.70 -20.53
N ASP B 167 -12.38 8.15 -19.42
CA ASP B 167 -13.74 7.72 -19.16
C ASP B 167 -14.68 8.14 -20.28
N TYR B 168 -14.47 9.33 -20.84
CA TYR B 168 -15.34 9.74 -21.93
C TYR B 168 -15.19 8.79 -23.12
N CYS B 169 -13.96 8.58 -23.61
CA CYS B 169 -13.83 7.83 -24.86
C CYS B 169 -14.21 6.36 -24.66
N HIS B 170 -13.91 5.79 -23.49
CA HIS B 170 -14.39 4.43 -23.21
C HIS B 170 -15.90 4.38 -23.24
N SER B 171 -16.57 5.34 -22.58
CA SER B 171 -18.02 5.39 -22.64
C SER B 171 -18.51 5.56 -24.07
N MET B 172 -17.70 6.13 -24.94
CA MET B 172 -18.09 6.25 -26.33
C MET B 172 -17.61 5.10 -27.18
N GLY B 173 -17.14 4.01 -26.55
CA GLY B 173 -16.76 2.81 -27.26
C GLY B 173 -15.37 2.81 -27.86
N ILE B 174 -14.51 3.74 -27.45
CA ILE B 174 -13.20 3.90 -28.09
C ILE B 174 -12.11 3.70 -27.04
N MET B 175 -11.16 2.82 -27.35
CA MET B 175 -9.92 2.73 -26.56
C MET B 175 -8.81 3.46 -27.29
N HIS B 176 -8.01 4.21 -26.53
CA HIS B 176 -7.01 5.08 -27.13
C HIS B 176 -5.79 4.30 -27.60
N ARG B 177 -5.34 3.34 -26.78
CA ARG B 177 -4.27 2.39 -27.05
C ARG B 177 -2.88 3.01 -27.15
N ASP B 178 -2.73 4.31 -26.91
CA ASP B 178 -1.40 4.89 -27.03
C ASP B 178 -1.17 5.93 -25.94
N VAL B 179 -1.75 5.70 -24.76
CA VAL B 179 -1.56 6.63 -23.65
C VAL B 179 -0.10 6.57 -23.22
N LYS B 180 0.56 7.73 -23.28
CA LYS B 180 1.90 7.95 -22.76
C LYS B 180 2.10 9.47 -22.63
N PRO B 181 3.13 9.92 -21.89
CA PRO B 181 3.27 11.37 -21.68
C PRO B 181 3.39 12.19 -22.95
N HIS B 182 3.99 11.65 -24.01
CA HIS B 182 4.09 12.44 -25.25
C HIS B 182 2.71 12.81 -25.79
N ASN B 183 1.68 12.01 -25.49
CA ASN B 183 0.34 12.22 -26.01
C ASN B 183 -0.56 12.93 -25.00
N VAL B 184 0.02 13.70 -24.09
CA VAL B 184 -0.73 14.46 -23.12
C VAL B 184 -0.15 15.85 -23.15
N MET B 185 -0.90 16.81 -23.69
CA MET B 185 -0.47 18.21 -23.73
C MET B 185 -1.10 19.01 -22.61
N ILE B 186 -0.27 19.77 -21.93
CA ILE B 186 -0.71 20.59 -20.82
C ILE B 186 -0.36 22.04 -21.14
N ASP B 187 -1.33 22.91 -20.91
CA ASP B 187 -1.17 24.35 -20.89
C ASP B 187 -1.24 24.75 -19.42
N HIS B 188 -0.09 24.65 -18.73
CA HIS B 188 -0.07 24.80 -17.28
C HIS B 188 -0.56 26.17 -16.83
N GLU B 189 -0.34 27.20 -17.64
CA GLU B 189 -0.75 28.54 -17.24
C GLU B 189 -2.25 28.63 -16.98
N HIS B 190 -3.06 27.96 -17.82
CA HIS B 190 -4.50 27.88 -17.63
C HIS B 190 -4.96 26.54 -17.08
N ARG B 191 -4.00 25.68 -16.70
CA ARG B 191 -4.29 24.34 -16.18
C ARG B 191 -5.22 23.56 -17.12
N LYS B 192 -4.91 23.63 -18.41
CA LYS B 192 -5.65 22.99 -19.50
C LYS B 192 -4.91 21.72 -19.95
N LEU B 193 -5.67 20.68 -20.29
CA LEU B 193 -5.07 19.44 -20.76
C LEU B 193 -5.89 18.85 -21.90
N ARG B 194 -5.18 18.18 -22.82
CA ARG B 194 -5.79 17.56 -23.99
C ARG B 194 -5.08 16.26 -24.27
N LEU B 195 -5.84 15.17 -24.40
CA LEU B 195 -5.29 13.91 -24.83
C LEU B 195 -5.25 13.90 -26.35
N ILE B 196 -4.07 13.70 -26.93
CA ILE B 196 -3.92 13.82 -28.37
C ILE B 196 -3.52 12.52 -29.03
N ASP B 197 -3.18 12.61 -30.32
CA ASP B 197 -2.83 11.52 -31.22
C ASP B 197 -3.73 10.31 -31.07
N TRP B 198 -4.79 10.30 -31.85
CA TRP B 198 -5.77 9.23 -31.81
C TRP B 198 -5.60 8.26 -32.97
N GLY B 199 -4.43 8.27 -33.62
CA GLY B 199 -4.17 7.46 -34.80
C GLY B 199 -3.98 5.98 -34.52
N LEU B 200 -3.90 5.59 -33.25
CA LEU B 200 -3.89 4.19 -32.86
C LEU B 200 -5.18 3.78 -32.15
N ALA B 201 -6.11 4.70 -31.93
CA ALA B 201 -7.34 4.36 -31.23
C ALA B 201 -8.23 3.46 -32.09
N GLU B 202 -8.99 2.59 -31.42
CA GLU B 202 -9.91 1.66 -32.06
C GLU B 202 -11.25 1.69 -31.33
N PHE B 203 -12.27 1.18 -32.01
CA PHE B 203 -13.57 0.94 -31.40
C PHE B 203 -13.61 -0.42 -30.72
N TYR B 204 -14.17 -0.47 -29.52
CA TYR B 204 -14.30 -1.75 -28.84
C TYR B 204 -15.51 -2.52 -29.34
N HIS B 205 -15.34 -3.83 -29.55
CA HIS B 205 -16.42 -4.70 -29.96
C HIS B 205 -16.30 -6.03 -29.24
N PRO B 206 -17.31 -6.45 -28.49
CA PRO B 206 -17.17 -7.69 -27.71
C PRO B 206 -16.81 -8.87 -28.61
N GLY B 207 -15.79 -9.61 -28.20
CA GLY B 207 -15.36 -10.79 -28.92
C GLY B 207 -14.43 -10.53 -30.07
N GLN B 208 -13.99 -9.30 -30.26
CA GLN B 208 -13.12 -8.97 -31.37
C GLN B 208 -11.67 -9.02 -30.91
N GLU B 209 -10.79 -9.51 -31.78
CA GLU B 209 -9.39 -9.64 -31.45
C GLU B 209 -8.61 -8.53 -32.15
N TYR B 210 -7.82 -7.81 -31.38
CA TYR B 210 -7.11 -6.65 -31.88
C TYR B 210 -5.64 -6.99 -32.11
N ASN B 211 -4.98 -6.11 -32.87
CA ASN B 211 -3.53 -6.19 -33.02
C ASN B 211 -2.87 -5.93 -31.67
N VAL B 212 -1.81 -6.69 -31.38
CA VAL B 212 -1.09 -6.50 -30.12
C VAL B 212 0.13 -5.60 -30.29
N ARG B 213 0.63 -5.41 -31.52
CA ARG B 213 1.78 -4.53 -31.75
C ARG B 213 1.29 -3.07 -31.82
N VAL B 214 0.86 -2.57 -30.66
CA VAL B 214 0.42 -1.20 -30.48
C VAL B 214 1.06 -0.64 -29.22
N ALA B 215 0.85 0.67 -29.00
CA ALA B 215 1.44 1.44 -27.91
C ALA B 215 2.95 1.48 -28.00
N SER B 216 3.58 2.24 -27.10
CA SER B 216 5.03 2.24 -26.98
C SER B 216 5.46 1.14 -26.00
N ARG B 217 6.70 0.68 -26.19
CA ARG B 217 7.24 -0.46 -25.46
C ARG B 217 7.05 -0.32 -23.95
N TYR B 218 7.42 0.83 -23.40
CA TYR B 218 7.40 1.02 -21.95
C TYR B 218 6.00 1.15 -21.42
N PHE B 219 5.00 1.26 -22.29
CA PHE B 219 3.62 1.45 -21.87
C PHE B 219 2.71 0.29 -22.31
N LYS B 220 3.26 -0.72 -22.97
CA LYS B 220 2.51 -1.90 -23.32
C LYS B 220 2.06 -2.62 -22.06
N GLY B 221 0.79 -3.04 -22.05
CA GLY B 221 0.27 -3.81 -20.96
C GLY B 221 0.59 -5.27 -21.16
N PRO B 222 0.50 -6.04 -20.07
CA PRO B 222 0.81 -7.48 -20.14
C PRO B 222 0.06 -8.24 -21.24
N GLU B 223 -1.23 -7.94 -21.46
CA GLU B 223 -1.98 -8.64 -22.50
C GLU B 223 -1.35 -8.47 -23.89
N LEU B 224 -0.65 -7.35 -24.14
CA LEU B 224 0.06 -7.21 -25.41
C LEU B 224 1.32 -8.06 -25.42
N LEU B 225 2.03 -8.12 -24.30
CA LEU B 225 3.31 -8.80 -24.29
C LEU B 225 3.16 -10.32 -24.43
N VAL B 226 2.08 -10.90 -23.88
CA VAL B 226 1.85 -12.33 -24.03
C VAL B 226 0.93 -12.67 -25.20
N ASP B 227 0.52 -11.66 -25.98
CA ASP B 227 -0.27 -11.86 -27.20
C ASP B 227 -1.67 -12.36 -26.84
N TYR B 228 -2.39 -11.60 -26.04
CA TYR B 228 -3.79 -11.86 -25.76
C TYR B 228 -4.58 -10.81 -26.52
N GLN B 229 -5.31 -11.23 -27.56
CA GLN B 229 -5.86 -10.27 -28.50
C GLN B 229 -7.24 -9.75 -28.14
N MET B 230 -7.93 -10.37 -27.19
CA MET B 230 -9.30 -10.00 -26.83
C MET B 230 -9.31 -8.97 -25.71
N TYR B 231 -8.48 -7.93 -25.81
CA TYR B 231 -8.36 -6.93 -24.74
C TYR B 231 -9.41 -5.84 -24.94
N ASP B 232 -9.31 -4.75 -24.18
CA ASP B 232 -10.37 -3.75 -24.14
C ASP B 232 -9.85 -2.48 -23.47
N TYR B 233 -10.78 -1.64 -23.00
CA TYR B 233 -10.41 -0.34 -22.47
C TYR B 233 -9.37 -0.46 -21.38
N SER B 234 -9.34 -1.59 -20.67
CA SER B 234 -8.48 -1.66 -19.49
C SER B 234 -7.01 -1.51 -19.86
N LEU B 235 -6.70 -1.64 -21.15
CA LEU B 235 -5.33 -1.45 -21.62
C LEU B 235 -4.87 -0.03 -21.36
N ASP B 236 -5.76 0.96 -21.54
CA ASP B 236 -5.36 2.34 -21.28
C ASP B 236 -5.06 2.54 -19.80
N MET B 237 -5.75 1.79 -18.94
CA MET B 237 -5.52 1.87 -17.50
C MET B 237 -4.14 1.36 -17.12
N TRP B 238 -3.61 0.36 -17.82
CA TRP B 238 -2.23 -0.04 -17.55
C TRP B 238 -1.28 1.06 -17.95
N SER B 239 -1.45 1.64 -19.15
CA SER B 239 -0.57 2.71 -19.57
C SER B 239 -0.66 3.88 -18.60
N LEU B 240 -1.88 4.27 -18.23
CA LEU B 240 -2.01 5.35 -17.27
C LEU B 240 -1.26 5.03 -15.99
N GLY B 241 -1.33 3.77 -15.55
CA GLY B 241 -0.55 3.34 -14.40
C GLY B 241 0.95 3.46 -14.62
N CYS B 242 1.43 3.09 -15.80
CA CYS B 242 2.84 3.26 -16.14
C CYS B 242 3.26 4.73 -16.02
N MET B 243 2.50 5.61 -16.67
CA MET B 243 2.71 7.05 -16.58
C MET B 243 2.74 7.52 -15.13
N LEU B 244 1.72 7.12 -14.34
CA LEU B 244 1.63 7.57 -12.95
C LEU B 244 2.85 7.17 -12.14
N ALA B 245 3.29 5.92 -12.30
CA ALA B 245 4.45 5.44 -11.56
C ALA B 245 5.70 6.24 -11.91
N SER B 246 5.85 6.66 -13.16
CA SER B 246 7.07 7.39 -13.45
C SER B 246 6.99 8.84 -12.97
N MET B 247 5.78 9.44 -12.96
CA MET B 247 5.60 10.76 -12.37
C MET B 247 5.97 10.77 -10.90
N ILE B 248 5.41 9.84 -10.12
CA ILE B 248 5.52 9.95 -8.67
C ILE B 248 6.87 9.44 -8.17
N PHE B 249 7.54 8.57 -8.91
CA PHE B 249 8.83 8.05 -8.53
C PHE B 249 9.98 8.74 -9.25
N ARG B 250 9.67 9.65 -10.19
CA ARG B 250 10.66 10.30 -11.06
C ARG B 250 11.64 9.26 -11.62
N LYS B 251 11.08 8.39 -12.46
CA LYS B 251 11.82 7.27 -13.04
C LYS B 251 11.21 6.96 -14.40
N GLU B 252 11.77 7.56 -15.46
CA GLU B 252 11.23 7.35 -16.82
C GLU B 252 12.17 6.49 -17.65
N PRO B 253 11.69 5.38 -18.23
CA PRO B 253 10.38 4.81 -17.94
C PRO B 253 10.40 4.06 -16.64
N PHE B 254 9.23 3.75 -16.09
CA PHE B 254 9.22 2.95 -14.87
C PHE B 254 9.61 1.51 -15.13
N PHE B 255 9.07 0.90 -16.19
CA PHE B 255 9.41 -0.46 -16.60
C PHE B 255 10.28 -0.34 -17.85
N HIS B 256 11.60 -0.48 -17.68
CA HIS B 256 12.54 -0.07 -18.70
C HIS B 256 13.05 -1.28 -19.50
N GLY B 257 12.18 -1.78 -20.39
CA GLY B 257 12.53 -2.96 -21.18
C GLY B 257 13.49 -2.70 -22.33
N HIS B 258 14.25 -3.74 -22.69
CA HIS B 258 15.15 -3.65 -23.83
C HIS B 258 14.45 -3.90 -25.16
N ASP B 259 13.46 -4.80 -25.13
CA ASP B 259 12.65 -5.17 -26.27
C ASP B 259 11.35 -5.69 -25.69
N ASN B 260 10.43 -6.14 -26.55
CA ASN B 260 9.12 -6.50 -26.04
C ASN B 260 9.20 -7.66 -25.06
N TYR B 261 10.12 -8.60 -25.26
CA TYR B 261 10.20 -9.73 -24.35
C TYR B 261 10.76 -9.31 -22.99
N ASP B 262 11.92 -8.65 -22.98
CA ASP B 262 12.48 -8.14 -21.74
C ASP B 262 11.54 -7.16 -21.03
N GLN B 263 10.56 -6.61 -21.75
CA GLN B 263 9.64 -5.67 -21.10
C GLN B 263 8.78 -6.40 -20.10
N LEU B 264 8.31 -7.60 -20.46
CA LEU B 264 7.54 -8.41 -19.52
C LEU B 264 8.39 -8.82 -18.33
N VAL B 265 9.69 -9.08 -18.56
CA VAL B 265 10.60 -9.37 -17.45
C VAL B 265 10.72 -8.16 -16.51
N ARG B 266 10.72 -6.94 -17.06
CA ARG B 266 10.82 -5.79 -16.16
C ARG B 266 9.58 -5.68 -15.29
N ILE B 267 8.41 -5.96 -15.87
CA ILE B 267 7.18 -5.95 -15.06
C ILE B 267 7.21 -7.10 -14.06
N ALA B 268 7.64 -8.28 -14.52
CA ALA B 268 7.61 -9.44 -13.65
C ALA B 268 8.51 -9.27 -12.43
N LYS B 269 9.57 -8.47 -12.55
CA LYS B 269 10.47 -8.26 -11.42
C LYS B 269 9.87 -7.32 -10.38
N VAL B 270 8.80 -6.60 -10.70
CA VAL B 270 8.11 -5.75 -9.74
C VAL B 270 6.81 -6.43 -9.29
N LEU B 271 5.91 -6.71 -10.23
CA LEU B 271 4.63 -7.33 -9.87
C LEU B 271 4.78 -8.79 -9.43
N GLY B 272 5.93 -9.40 -9.63
CA GLY B 272 6.09 -10.79 -9.24
C GLY B 272 5.63 -11.74 -10.32
N THR B 273 6.13 -12.97 -10.24
CA THR B 273 5.77 -13.96 -11.24
C THR B 273 4.53 -14.76 -10.88
N GLU B 274 4.17 -14.86 -9.61
CA GLU B 274 3.03 -15.69 -9.22
C GLU B 274 1.73 -15.21 -9.90
N ASP B 275 1.40 -13.92 -9.78
CA ASP B 275 0.23 -13.42 -10.48
C ASP B 275 0.40 -13.47 -12.00
N LEU B 276 1.63 -13.54 -12.51
CA LEU B 276 1.82 -13.64 -13.95
C LEU B 276 1.37 -15.00 -14.47
N TYR B 277 1.77 -16.08 -13.80
CA TYR B 277 1.37 -17.41 -14.26
C TYR B 277 -0.07 -17.74 -13.93
N ASP B 278 -0.63 -17.10 -12.89
CA ASP B 278 -2.06 -17.17 -12.68
C ASP B 278 -2.82 -16.55 -13.83
N TYR B 279 -2.32 -15.41 -14.34
CA TYR B 279 -2.95 -14.74 -15.48
C TYR B 279 -2.96 -15.63 -16.71
N ILE B 280 -1.81 -16.24 -17.05
CA ILE B 280 -1.73 -17.14 -18.19
C ILE B 280 -2.72 -18.29 -18.05
N ASP B 281 -2.84 -18.82 -16.83
CA ASP B 281 -3.67 -20.01 -16.64
C ASP B 281 -5.16 -19.67 -16.68
N LYS B 282 -5.54 -18.52 -16.15
CA LYS B 282 -6.94 -18.14 -16.18
C LYS B 282 -7.44 -18.03 -17.60
N TYR B 283 -6.62 -17.49 -18.49
CA TYR B 283 -7.03 -17.21 -19.86
C TYR B 283 -6.48 -18.21 -20.86
N ASN B 284 -5.81 -19.25 -20.36
CA ASN B 284 -5.28 -20.33 -21.19
C ASN B 284 -4.40 -19.77 -22.31
N ILE B 285 -3.63 -18.74 -21.95
CA ILE B 285 -2.75 -18.08 -22.90
C ILE B 285 -1.57 -18.97 -23.28
N GLU B 286 -1.25 -19.00 -24.58
CA GLU B 286 -0.08 -19.69 -25.10
C GLU B 286 1.13 -18.75 -24.97
N LEU B 287 2.09 -19.13 -24.15
CA LEU B 287 3.23 -18.25 -23.88
C LEU B 287 4.33 -18.51 -24.89
N ASP B 288 4.91 -17.44 -25.42
CA ASP B 288 5.90 -17.57 -26.46
C ASP B 288 7.08 -18.41 -25.98
N PRO B 289 7.64 -19.27 -26.82
CA PRO B 289 8.84 -20.03 -26.41
C PRO B 289 10.03 -19.16 -26.04
N ARG B 290 10.14 -17.95 -26.60
CA ARG B 290 11.21 -17.05 -26.19
C ARG B 290 11.15 -16.77 -24.69
N PHE B 291 9.96 -16.88 -24.09
CA PHE B 291 9.77 -16.49 -22.70
C PHE B 291 10.22 -17.54 -21.70
N ASN B 292 10.30 -18.82 -22.07
CA ASN B 292 10.42 -19.81 -21.00
C ASN B 292 11.73 -19.74 -20.23
N ASP B 293 12.74 -19.04 -20.72
CA ASP B 293 14.02 -19.03 -20.02
C ASP B 293 14.46 -17.63 -19.62
N ILE B 294 13.54 -16.69 -19.46
CA ILE B 294 13.94 -15.35 -19.06
C ILE B 294 13.04 -14.74 -17.99
N LEU B 295 11.83 -15.26 -17.79
CA LEU B 295 10.99 -14.73 -16.71
C LEU B 295 11.52 -15.18 -15.35
N GLY B 296 11.85 -16.46 -15.20
CA GLY B 296 12.34 -16.91 -13.92
C GLY B 296 11.27 -16.89 -12.84
N ARG B 297 11.71 -16.64 -11.61
CA ARG B 297 10.84 -16.51 -10.44
C ARG B 297 11.19 -15.22 -9.70
N HIS B 298 10.17 -14.43 -9.36
CA HIS B 298 10.37 -13.18 -8.68
C HIS B 298 9.19 -12.90 -7.77
N SER B 299 9.48 -12.36 -6.59
CA SER B 299 8.41 -12.01 -5.67
C SER B 299 7.75 -10.71 -6.13
N ARG B 300 6.63 -10.39 -5.48
CA ARG B 300 5.96 -9.11 -5.73
C ARG B 300 6.57 -8.10 -4.75
N LYS B 301 7.22 -7.08 -5.30
CA LYS B 301 7.90 -6.08 -4.49
C LYS B 301 6.90 -5.09 -3.90
N ARG B 302 7.27 -4.51 -2.78
CA ARG B 302 6.50 -3.43 -2.18
C ARG B 302 6.99 -2.11 -2.74
N TRP B 303 6.04 -1.20 -3.01
CA TRP B 303 6.37 0.04 -3.70
C TRP B 303 7.38 0.88 -2.95
N GLU B 304 7.56 0.66 -1.65
CA GLU B 304 8.52 1.43 -0.88
C GLU B 304 9.92 1.30 -1.47
N ARG B 305 10.21 0.17 -2.13
CA ARG B 305 11.48 -0.05 -2.82
C ARG B 305 11.87 1.10 -3.73
N PHE B 306 10.90 1.78 -4.32
CA PHE B 306 11.16 2.79 -5.34
C PHE B 306 11.08 4.21 -4.79
N VAL B 307 10.87 4.35 -3.49
CA VAL B 307 10.77 5.65 -2.83
C VAL B 307 12.13 6.02 -2.27
N HIS B 308 12.49 7.30 -2.37
CA HIS B 308 13.74 7.82 -1.82
C HIS B 308 13.60 9.33 -1.68
N SER B 309 14.67 9.98 -1.20
CA SER B 309 14.56 11.38 -0.76
C SER B 309 14.13 12.30 -1.88
N GLU B 310 14.56 12.02 -3.12
CA GLU B 310 14.23 12.90 -4.23
C GLU B 310 12.77 12.77 -4.69
N ASN B 311 12.10 11.64 -4.46
CA ASN B 311 10.71 11.52 -4.90
C ASN B 311 9.72 11.44 -3.75
N GLN B 312 10.18 11.46 -2.50
CA GLN B 312 9.27 11.20 -1.38
C GLN B 312 8.13 12.20 -1.33
N HIS B 313 8.37 13.45 -1.75
CA HIS B 313 7.34 14.47 -1.68
C HIS B 313 6.17 14.21 -2.64
N LEU B 314 6.28 13.26 -3.57
CA LEU B 314 5.22 12.95 -4.51
C LEU B 314 4.55 11.60 -4.25
N VAL B 315 5.18 10.72 -3.51
CA VAL B 315 4.56 9.45 -3.17
C VAL B 315 3.90 9.56 -1.81
N SER B 316 2.70 8.99 -1.69
CA SER B 316 1.93 8.94 -0.45
C SER B 316 1.23 7.59 -0.36
N PRO B 317 0.66 7.22 0.78
CA PRO B 317 -0.05 5.93 0.82
C PRO B 317 -1.19 5.86 -0.18
N GLU B 318 -1.95 6.94 -0.37
CA GLU B 318 -3.01 6.91 -1.37
C GLU B 318 -2.44 6.73 -2.77
N ALA B 319 -1.37 7.46 -3.09
CA ALA B 319 -0.80 7.32 -4.43
C ALA B 319 -0.39 5.88 -4.68
N LEU B 320 0.21 5.25 -3.66
CA LEU B 320 0.70 3.89 -3.83
C LEU B 320 -0.44 2.89 -3.88
N ASP B 321 -1.53 3.16 -3.18
CA ASP B 321 -2.69 2.28 -3.26
C ASP B 321 -3.38 2.40 -4.61
N PHE B 322 -3.55 3.63 -5.11
CA PHE B 322 -4.10 3.84 -6.45
C PHE B 322 -3.28 3.12 -7.51
N LEU B 323 -1.96 3.34 -7.48
CA LEU B 323 -1.07 2.71 -8.47
C LEU B 323 -1.21 1.20 -8.45
N ASP B 324 -1.35 0.61 -7.26
CA ASP B 324 -1.42 -0.84 -7.15
C ASP B 324 -2.70 -1.41 -7.77
N LYS B 325 -3.79 -0.64 -7.78
CA LYS B 325 -5.05 -1.03 -8.39
C LYS B 325 -5.10 -0.73 -9.88
N LEU B 326 -4.05 -0.16 -10.46
CA LEU B 326 -3.89 0.01 -11.90
C LEU B 326 -2.99 -1.04 -12.50
N LEU B 327 -1.87 -1.35 -11.85
CA LEU B 327 -0.88 -2.25 -12.40
C LEU B 327 -1.19 -3.68 -11.95
N ARG B 328 -2.19 -4.27 -12.61
CA ARG B 328 -2.54 -5.67 -12.42
C ARG B 328 -2.38 -6.41 -13.74
N TYR B 329 -1.94 -7.67 -13.68
CA TYR B 329 -1.80 -8.43 -14.91
C TYR B 329 -3.16 -8.66 -15.53
N ASP B 330 -4.10 -9.19 -14.73
CA ASP B 330 -5.48 -9.41 -15.15
C ASP B 330 -6.11 -8.07 -15.51
N HIS B 331 -6.27 -7.82 -16.80
CA HIS B 331 -6.92 -6.60 -17.23
C HIS B 331 -8.31 -6.45 -16.63
N GLN B 332 -9.03 -7.56 -16.38
CA GLN B 332 -10.37 -7.39 -15.82
C GLN B 332 -10.36 -6.85 -14.40
N SER B 333 -9.23 -6.94 -13.69
CA SER B 333 -9.21 -6.48 -12.32
C SER B 333 -8.52 -5.12 -12.14
N ARG B 334 -8.09 -4.49 -13.23
CA ARG B 334 -7.65 -3.10 -13.14
C ARG B 334 -8.86 -2.19 -12.93
N LEU B 335 -8.64 -1.09 -12.23
CA LEU B 335 -9.71 -0.10 -12.07
C LEU B 335 -10.20 0.37 -13.44
N THR B 336 -11.47 0.71 -13.51
CA THR B 336 -11.97 1.45 -14.65
C THR B 336 -11.65 2.92 -14.46
N ALA B 337 -11.73 3.69 -15.55
CA ALA B 337 -11.52 5.13 -15.40
C ALA B 337 -12.50 5.74 -14.41
N ARG B 338 -13.75 5.27 -14.42
CA ARG B 338 -14.75 5.79 -13.49
C ARG B 338 -14.39 5.42 -12.05
N GLU B 339 -14.00 4.16 -11.83
CA GLU B 339 -13.58 3.74 -10.49
C GLU B 339 -12.35 4.52 -10.04
N ALA B 340 -11.36 4.67 -10.92
CA ALA B 340 -10.17 5.43 -10.58
C ALA B 340 -10.53 6.86 -10.16
N MET B 341 -11.47 7.49 -10.86
CA MET B 341 -11.81 8.86 -10.54
C MET B 341 -12.41 8.98 -9.16
N GLU B 342 -12.82 7.87 -8.55
CA GLU B 342 -13.44 7.89 -7.24
C GLU B 342 -12.49 7.45 -6.15
N HIS B 343 -11.23 7.20 -6.50
CA HIS B 343 -10.24 6.84 -5.52
C HIS B 343 -9.97 8.00 -4.58
N PRO B 344 -9.57 7.72 -3.33
CA PRO B 344 -9.25 8.81 -2.40
C PRO B 344 -8.07 9.67 -2.84
N TYR B 345 -7.20 9.15 -3.71
CA TYR B 345 -6.08 9.94 -4.22
C TYR B 345 -6.53 11.24 -4.89
N PHE B 346 -7.77 11.28 -5.39
CA PHE B 346 -8.32 12.48 -6.01
C PHE B 346 -9.34 13.19 -5.12
N TYR B 347 -9.43 12.83 -3.83
CA TYR B 347 -10.44 13.47 -2.98
C TYR B 347 -10.29 14.98 -2.98
N THR B 348 -9.08 15.47 -2.66
CA THR B 348 -8.84 16.91 -2.59
C THR B 348 -9.07 17.59 -3.93
N VAL B 349 -8.66 16.94 -5.03
CA VAL B 349 -8.77 17.58 -6.34
C VAL B 349 -10.22 17.60 -6.81
N VAL B 350 -11.07 16.68 -6.31
CA VAL B 350 -12.48 16.71 -6.67
C VAL B 350 -13.17 17.86 -5.96
N LYS B 351 -12.85 18.08 -4.67
CA LYS B 351 -13.42 19.21 -3.94
C LYS B 351 -13.12 20.54 -4.61
N ASP B 352 -11.94 20.67 -5.23
CA ASP B 352 -11.55 21.96 -5.82
C ASP B 352 -12.42 22.33 -7.02
N GLN B 353 -12.90 21.33 -7.77
CA GLN B 353 -13.79 21.62 -8.89
C GLN B 353 -15.08 22.27 -8.42
N ALA B 354 -15.48 22.03 -7.16
CA ALA B 354 -16.62 22.71 -6.54
C ALA B 354 -16.28 24.16 -6.23
C10 A1I9M C . -7.62 -2.14 22.77
C13 A1I9M C . -7.95 -0.02 20.93
C15 A1I9M C . -6.49 -1.59 22.12
C20 A1I9M C . -7.70 -7.38 33.49
C21 A1I9M C . -7.69 -7.06 35.01
C26 A1I9M C . -2.95 -5.64 35.67
C28 A1I9M C . -1.68 -3.75 36.59
C02 A1I9M C . -8.48 -5.78 30.34
C03 A1I9M C . -8.47 -5.87 28.85
C04 A1I9M C . -8.87 -4.54 28.27
C05 A1I9M C . -9.04 -4.37 26.79
C08 A1I9M C . -8.76 -3.26 24.65
C09 A1I9M C . -7.50 -3.24 23.76
C11 A1I9M C . -8.90 -1.61 22.48
C12 A1I9M C . -9.07 -0.55 21.57
C14 A1I9M C . -6.66 -0.55 21.21
C19 A1I9M C . -7.48 -6.13 32.66
C23 A1I9M C . -6.58 -4.89 35.67
C25 A1I9M C . -4.18 -4.91 35.87
C27 A1I9M C . -1.73 -5.05 36.04
C29 A1I9M C . -2.88 -3.03 36.80
C30 A1I9M C . -4.16 -3.63 36.43
C31 A1I9M C . -5.44 -2.92 36.61
C32 A1I9M C . -6.65 -3.55 36.25
C33 A1I9M C . -7.90 -2.85 36.45
C34 A1I9M C . -7.85 -1.55 37.00
C36 A1I9M C . -5.47 -1.61 37.17
C37 A1I9M C . -0.40 -5.80 35.78
N07 A1I9M C . -8.52 -3.32 26.03
N18 A1I9M C . -7.45 -6.28 31.22
N22 A1I9M C . -7.73 -5.62 35.27
N24 A1I9M C . -5.37 -5.53 35.50
N35 A1I9M C . -6.65 -0.95 37.36
O01 A1I9M C . -9.46 -5.19 30.85
O06 A1I9M C . -9.69 -5.23 26.16
O38 A1I9M C . 0.65 -5.08 35.58
O39 A1I9M C . -0.33 -7.09 35.70
CL16 A1I9M C . -5.24 0.10 20.42
CL17 A1I9M C . -8.18 1.30 19.77
S SO4 D . 11.61 -15.89 30.38
O1 SO4 D . 11.23 -17.15 29.73
O2 SO4 D . 10.39 -15.29 30.97
O3 SO4 D . 12.60 -16.14 31.43
O4 SO4 D . 12.23 -14.99 29.39
S SO4 E . 13.41 -11.87 49.18
O1 SO4 E . 13.66 -11.51 47.77
O2 SO4 E . 12.09 -12.51 49.34
O3 SO4 E . 14.44 -12.82 49.62
O4 SO4 E . 13.49 -10.65 49.99
S SO4 F . 4.16 -21.66 24.24
O1 SO4 F . 4.40 -21.86 22.80
O2 SO4 F . 2.71 -21.74 24.49
O3 SO4 F . 4.91 -22.70 24.96
O4 SO4 F . 4.68 -20.33 24.65
S SO4 G . -2.66 -19.48 -1.68
O1 SO4 G . -3.75 -19.29 -2.66
O2 SO4 G . -3.21 -19.33 -0.33
O3 SO4 G . -2.07 -20.82 -1.84
O4 SO4 G . -1.60 -18.48 -1.93
S SO4 H . 5.88 -3.11 -31.69
O1 SO4 H . 5.61 -4.56 -31.67
O2 SO4 H . 4.63 -2.34 -31.65
O3 SO4 H . 6.64 -2.78 -32.91
O4 SO4 H . 6.72 -2.71 -30.55
S SO4 I . -3.84 -1.68 -36.12
O1 SO4 I . -3.52 -3.05 -36.57
O2 SO4 I . -4.68 -1.79 -34.92
O3 SO4 I . -2.65 -0.87 -35.78
O4 SO4 I . -4.55 -1.04 -37.22
C10 A1I9M J . 2.47 15.38 -17.94
C13 A1I9M J . 0.82 14.10 -16.04
C15 A1I9M J . 2.44 15.81 -16.60
C20 A1I9M J . 3.79 16.98 -29.98
C21 A1I9M J . 3.89 18.33 -30.77
C26 A1I9M J . -0.73 16.45 -31.95
C28 A1I9M J . -3.02 17.21 -32.16
C02 A1I9M J . 4.19 16.85 -26.17
C03 A1I9M J . 3.50 16.45 -24.87
C04 A1I9M J . 4.16 17.07 -23.66
C05 A1I9M J . 4.41 16.28 -22.38
C08 A1I9M J . 3.70 15.26 -20.20
C09 A1I9M J . 3.37 16.07 -18.95
C11 A1I9M J . 1.66 14.29 -18.32
C12 A1I9M J . 0.83 13.65 -17.37
C14 A1I9M J . 1.63 15.19 -15.66
C19 A1I9M J . 4.51 16.99 -28.66
C23 A1I9M J . 1.49 19.18 -30.72
C25 A1I9M J . -0.33 17.75 -31.49
C27 A1I9M J . -2.05 16.19 -32.28
C29 A1I9M J . -2.66 18.51 -31.71
C30 A1I9M J . -1.27 18.78 -31.37
C31 A1I9M J . -0.80 20.09 -30.88
C32 A1I9M J . 0.58 20.29 -30.57
C33 A1I9M J . 1.02 21.59 -30.11
C34 A1I9M J . 0.05 22.61 -30.00
C36 A1I9M J . -1.71 21.19 -30.73
C37 A1I9M J . -2.48 14.74 -32.75
N07 A1I9M J . 3.43 16.01 -21.40
N18 A1I9M J . 3.75 16.57 -27.50
N22 A1I9M J . 2.87 19.31 -30.41
N24 A1I9M J . 1.05 17.96 -31.17
N35 A1I9M J . -1.29 22.41 -30.30
O01 A1I9M J . 5.26 17.49 -26.04
O06 A1I9M J . 5.55 15.85 -22.15
O38 A1I9M J . -3.71 14.37 -32.57
O39 A1I9M J . -1.62 13.91 -33.22
CL16 A1I9M J . 1.63 15.75 -14.00
CL17 A1I9M J . -0.22 13.32 -14.85
S SO4 K . -10.00 9.54 -50.57
O1 SO4 K . -10.63 8.75 -51.63
O2 SO4 K . -10.65 9.30 -49.28
O3 SO4 K . -8.58 9.17 -50.49
O4 SO4 K . -10.16 10.96 -50.90
S SO4 L . 16.02 -0.39 -14.13
O1 SO4 L . 14.55 -0.45 -14.13
O2 SO4 L . 16.44 0.43 -12.99
O3 SO4 L . 16.59 -1.73 -13.95
O4 SO4 L . 16.49 0.19 -15.41
S SO4 M . 13.57 -11.77 -6.37
O1 SO4 M . 13.66 -12.46 -7.67
O2 SO4 M . 12.16 -11.37 -6.13
O3 SO4 M . 14.00 -12.66 -5.28
O4 SO4 M . 14.45 -10.58 -6.38
#